data_2A2G
#
_entry.id   2A2G
#
_cell.length_a   62.810
_cell.length_b   98.010
_cell.length_c   123.370
_cell.angle_alpha   90.00
_cell.angle_beta   90.00
_cell.angle_gamma   90.00
#
_symmetry.space_group_name_H-M   'P 21 21 21'
#
loop_
_entity.id
_entity.type
_entity.pdbx_description
1 polymer 'PROTEIN (ALPHA-2U-GLOBULIN)'
2 non-polymer 'D-LIMONENE 1,2-EPOXIDE'
#
_entity_poly.entity_id   1
_entity_poly.type   'polypeptide(L)'
_entity_poly.pdbx_seq_one_letter_code
;MKLLLLLLCLGLTLVCGHAEEASSTRGNLDVAKLNGDWFSIVVASNKREKIEENGSMRVFMQHIDVLENSLGFKFRIKEN
GECRELYLVAYKTPEDGEYFVEYDGGNTFTILKTDYDRYVMFHLINFKNGETFQLMVLYGRTKDLSSDIKEKFAKLCEAH
GITRDNIIDLTKTDRCLQARG
;
_entity_poly.pdbx_strand_id   A,B,C,D
#
loop_
_chem_comp.id
_chem_comp.type
_chem_comp.name
_chem_comp.formula
LEO non-polymer 'D-LIMONENE 1,2-EPOXIDE' 'C10 H16 O'
#
# COMPACT_ATOMS: atom_id res chain seq x y z
N GLU A 20 -34.44 7.96 9.50
CA GLU A 20 -33.65 8.47 8.33
C GLU A 20 -32.21 8.81 8.70
N GLU A 21 -32.04 9.97 9.34
CA GLU A 21 -30.74 10.48 9.74
C GLU A 21 -29.90 9.59 10.66
N ALA A 22 -28.60 9.61 10.43
CA ALA A 22 -27.64 8.83 11.22
C ALA A 22 -26.25 9.46 11.17
N SER A 23 -25.46 9.18 12.19
CA SER A 23 -24.09 9.71 12.29
C SER A 23 -23.18 8.64 12.89
N SER A 24 -21.88 8.80 12.71
CA SER A 24 -20.91 7.86 13.25
C SER A 24 -20.62 8.20 14.71
N THR A 25 -20.81 9.48 15.05
CA THR A 25 -20.58 9.96 16.41
C THR A 25 -21.78 9.62 17.31
N ARG A 26 -22.80 9.03 16.69
CA ARG A 26 -24.00 8.62 17.40
C ARG A 26 -24.01 7.09 17.47
N GLY A 27 -23.09 6.48 16.72
CA GLY A 27 -22.95 5.03 16.71
C GLY A 27 -24.04 4.25 15.99
N ASN A 28 -25.12 4.93 15.61
CA ASN A 28 -26.24 4.29 14.92
C ASN A 28 -26.07 4.29 13.40
N LEU A 29 -24.84 4.48 12.94
CA LEU A 29 -24.57 4.51 11.51
C LEU A 29 -24.43 3.14 10.86
N ASP A 30 -25.27 2.88 9.87
CA ASP A 30 -25.22 1.62 9.12
C ASP A 30 -24.43 1.90 7.85
N VAL A 31 -23.11 1.85 7.99
CA VAL A 31 -22.17 2.11 6.90
C VAL A 31 -22.49 1.36 5.60
N ALA A 32 -23.07 0.17 5.73
CA ALA A 32 -23.42 -0.67 4.58
C ALA A 32 -24.33 0.03 3.56
N LYS A 33 -25.18 0.93 4.04
CA LYS A 33 -26.10 1.66 3.18
C LYS A 33 -25.44 2.80 2.41
N LEU A 34 -24.17 3.07 2.69
CA LEU A 34 -23.43 4.12 2.00
C LEU A 34 -22.83 3.58 0.72
N ASN A 35 -22.96 2.27 0.53
CA ASN A 35 -22.45 1.61 -0.65
C ASN A 35 -23.24 2.14 -1.84
N GLY A 36 -22.58 2.23 -2.99
CA GLY A 36 -23.25 2.73 -4.18
C GLY A 36 -22.60 3.97 -4.77
N ASP A 37 -23.31 4.60 -5.70
CA ASP A 37 -22.83 5.79 -6.38
C ASP A 37 -23.08 7.09 -5.62
N TRP A 38 -22.09 7.98 -5.66
CA TRP A 38 -22.17 9.27 -5.00
C TRP A 38 -21.53 10.33 -5.88
N PHE A 39 -22.03 11.55 -5.78
CA PHE A 39 -21.52 12.68 -6.55
C PHE A 39 -21.06 13.77 -5.59
N SER A 40 -20.07 14.54 -6.02
CA SER A 40 -19.57 15.63 -5.19
C SER A 40 -20.46 16.83 -5.42
N ILE A 41 -21.15 17.26 -4.36
CA ILE A 41 -22.06 18.40 -4.49
C ILE A 41 -21.39 19.68 -4.01
N VAL A 42 -20.90 19.67 -2.76
CA VAL A 42 -20.25 20.84 -2.18
C VAL A 42 -19.07 20.49 -1.28
N VAL A 43 -17.99 21.25 -1.42
CA VAL A 43 -16.79 21.09 -0.61
C VAL A 43 -16.54 22.40 0.13
N ALA A 44 -15.98 22.31 1.33
CA ALA A 44 -15.69 23.47 2.15
C ALA A 44 -14.43 23.24 2.99
N SER A 45 -13.63 24.29 3.15
CA SER A 45 -12.38 24.23 3.90
C SER A 45 -11.77 25.63 4.01
N ASN A 46 -11.20 25.95 5.17
CA ASN A 46 -10.57 27.25 5.38
C ASN A 46 -9.15 27.25 4.85
N LYS A 47 -8.87 26.24 4.01
CA LYS A 47 -7.59 26.06 3.35
C LYS A 47 -8.05 25.97 1.89
N ARG A 48 -8.79 27.00 1.49
CA ARG A 48 -9.38 27.13 0.16
C ARG A 48 -8.50 26.61 -0.98
N GLU A 49 -7.21 26.92 -0.90
CA GLU A 49 -6.22 26.49 -1.87
C GLU A 49 -6.43 25.02 -2.24
N LYS A 50 -6.69 24.21 -1.20
CA LYS A 50 -6.92 22.78 -1.35
C LYS A 50 -8.17 22.36 -2.13
N ILE A 51 -9.19 23.22 -2.15
CA ILE A 51 -10.43 22.89 -2.85
C ILE A 51 -10.71 23.66 -4.13
N GLU A 52 -9.71 24.37 -4.63
CA GLU A 52 -9.87 25.14 -5.85
C GLU A 52 -9.30 24.34 -7.02
N GLU A 53 -9.40 24.92 -8.22
CA GLU A 53 -8.88 24.30 -9.44
C GLU A 53 -7.47 23.78 -9.16
N ASN A 54 -7.30 22.47 -9.33
CA ASN A 54 -6.03 21.77 -9.11
C ASN A 54 -5.73 21.39 -7.65
N GLY A 55 -6.64 21.74 -6.74
CA GLY A 55 -6.46 21.41 -5.34
C GLY A 55 -6.53 19.91 -5.11
N SER A 56 -5.67 19.41 -4.23
CA SER A 56 -5.64 17.98 -3.91
C SER A 56 -6.97 17.47 -3.36
N MET A 57 -7.80 18.39 -2.85
CA MET A 57 -9.09 18.01 -2.27
C MET A 57 -10.33 18.24 -3.15
N ARG A 58 -10.16 18.85 -4.33
CA ARG A 58 -11.29 19.07 -5.22
C ARG A 58 -11.59 17.76 -5.94
N VAL A 59 -12.14 16.82 -5.19
CA VAL A 59 -12.47 15.50 -5.70
C VAL A 59 -13.88 15.38 -6.23
N PHE A 60 -14.03 14.61 -7.30
CA PHE A 60 -15.32 14.38 -7.92
C PHE A 60 -15.64 12.91 -7.67
N MET A 61 -16.36 12.69 -6.56
CA MET A 61 -16.75 11.36 -6.14
C MET A 61 -17.54 10.61 -7.20
N GLN A 62 -17.41 9.29 -7.18
CA GLN A 62 -18.09 8.44 -8.15
C GLN A 62 -18.77 7.27 -7.45
N HIS A 63 -18.01 6.61 -6.57
CA HIS A 63 -18.50 5.42 -5.91
C HIS A 63 -17.82 5.05 -4.59
N ILE A 64 -18.63 4.67 -3.61
CA ILE A 64 -18.14 4.23 -2.31
C ILE A 64 -18.40 2.73 -2.15
N ASP A 65 -17.34 2.00 -1.83
CA ASP A 65 -17.42 0.55 -1.62
C ASP A 65 -17.27 0.25 -0.13
N VAL A 66 -18.21 -0.49 0.42
CA VAL A 66 -18.13 -0.86 1.82
C VAL A 66 -17.39 -2.20 1.87
N LEU A 67 -16.20 -2.18 2.46
CA LEU A 67 -15.36 -3.36 2.55
C LEU A 67 -15.14 -3.80 4.00
N GLU A 68 -14.21 -4.73 4.19
CA GLU A 68 -13.89 -5.24 5.53
C GLU A 68 -13.19 -4.18 6.36
N ASN A 69 -13.89 -3.68 7.36
CA ASN A 69 -13.38 -2.65 8.26
C ASN A 69 -12.73 -1.51 7.49
N SER A 70 -13.31 -1.20 6.32
CA SER A 70 -12.78 -0.15 5.47
C SER A 70 -13.80 0.33 4.43
N LEU A 71 -13.50 1.49 3.85
CA LEU A 71 -14.33 2.09 2.84
C LEU A 71 -13.47 2.38 1.61
N GLY A 72 -13.97 2.01 0.43
CA GLY A 72 -13.26 2.24 -0.80
C GLY A 72 -13.88 3.38 -1.57
N PHE A 73 -13.06 4.32 -2.02
CA PHE A 73 -13.55 5.47 -2.77
C PHE A 73 -13.00 5.56 -4.18
N LYS A 74 -13.91 5.63 -5.15
CA LYS A 74 -13.53 5.79 -6.55
C LYS A 74 -13.93 7.21 -6.90
N PHE A 75 -12.97 7.98 -7.37
CA PHE A 75 -13.22 9.38 -7.71
C PHE A 75 -12.26 9.91 -8.75
N ARG A 76 -12.68 10.96 -9.42
CA ARG A 76 -11.85 11.60 -10.43
C ARG A 76 -11.37 12.93 -9.87
N ILE A 77 -10.11 13.24 -10.15
CA ILE A 77 -9.52 14.50 -9.72
C ILE A 77 -8.80 15.05 -10.93
N LYS A 78 -9.04 16.32 -11.22
CA LYS A 78 -8.45 16.98 -12.38
C LYS A 78 -7.08 17.56 -12.06
N GLU A 79 -6.05 16.93 -12.63
CA GLU A 79 -4.66 17.37 -12.44
C GLU A 79 -4.13 17.87 -13.76
N ASN A 80 -3.67 19.12 -13.78
CA ASN A 80 -3.11 19.76 -14.98
C ASN A 80 -4.12 19.74 -16.14
N GLY A 81 -5.39 19.96 -15.80
CA GLY A 81 -6.43 19.97 -16.83
C GLY A 81 -6.85 18.59 -17.32
N GLU A 82 -6.29 17.54 -16.73
CA GLU A 82 -6.61 16.18 -17.12
C GLU A 82 -7.18 15.37 -15.96
N CYS A 83 -8.36 14.80 -16.19
CA CYS A 83 -9.05 13.99 -15.17
C CYS A 83 -8.36 12.65 -14.94
N ARG A 84 -8.07 12.35 -13.68
CA ARG A 84 -7.41 11.11 -13.30
C ARG A 84 -8.41 10.20 -12.60
N GLU A 85 -8.25 8.90 -12.80
CA GLU A 85 -9.11 7.92 -12.17
C GLU A 85 -8.38 7.37 -10.95
N LEU A 86 -8.86 7.73 -9.77
CA LEU A 86 -8.25 7.29 -8.52
C LEU A 86 -9.15 6.47 -7.63
N TYR A 87 -8.52 5.62 -6.83
CA TYR A 87 -9.22 4.77 -5.88
C TYR A 87 -8.43 4.73 -4.58
N LEU A 88 -9.13 4.96 -3.47
CA LEU A 88 -8.50 4.96 -2.15
C LEU A 88 -9.27 4.13 -1.15
N VAL A 89 -8.52 3.45 -0.28
CA VAL A 89 -9.12 2.64 0.78
C VAL A 89 -8.85 3.34 2.11
N ALA A 90 -9.91 3.54 2.88
CA ALA A 90 -9.82 4.18 4.18
C ALA A 90 -10.10 3.10 5.22
N TYR A 91 -9.26 3.01 6.25
CA TYR A 91 -9.43 2.00 7.28
C TYR A 91 -10.08 2.52 8.55
N LYS A 92 -11.01 1.73 9.07
CA LYS A 92 -11.70 2.07 10.31
C LYS A 92 -10.67 2.02 11.43
N THR A 93 -10.76 2.98 12.35
CA THR A 93 -9.83 3.05 13.47
C THR A 93 -10.57 2.75 14.78
N PRO A 94 -9.83 2.57 15.89
CA PRO A 94 -10.47 2.29 17.18
C PRO A 94 -11.27 3.47 17.75
N GLU A 95 -10.97 4.69 17.29
CA GLU A 95 -11.68 5.89 17.76
C GLU A 95 -13.04 5.89 17.08
N ASP A 96 -14.12 5.72 17.86
CA ASP A 96 -15.49 5.65 17.34
C ASP A 96 -15.87 6.54 16.15
N GLY A 97 -16.23 5.86 15.05
CA GLY A 97 -16.65 6.53 13.84
C GLY A 97 -15.54 7.10 12.98
N GLU A 98 -14.30 6.93 13.42
CA GLU A 98 -13.14 7.46 12.69
C GLU A 98 -12.52 6.51 11.68
N TYR A 99 -12.09 7.09 10.57
CA TYR A 99 -11.44 6.36 9.48
C TYR A 99 -10.15 7.06 9.13
N PHE A 100 -9.17 6.29 8.66
CA PHE A 100 -7.90 6.86 8.25
C PHE A 100 -7.66 6.58 6.78
N VAL A 101 -7.00 7.53 6.13
CA VAL A 101 -6.66 7.41 4.73
C VAL A 101 -5.44 8.28 4.44
N GLU A 102 -4.46 7.69 3.77
CA GLU A 102 -3.26 8.42 3.43
C GLU A 102 -3.49 9.00 2.04
N TYR A 103 -3.55 10.33 1.99
CA TYR A 103 -3.76 11.05 0.74
C TYR A 103 -3.35 12.50 0.96
N ASP A 104 -2.26 12.91 0.31
CA ASP A 104 -1.74 14.28 0.44
C ASP A 104 -1.57 14.54 1.95
N GLY A 105 -1.12 13.50 2.65
CA GLY A 105 -0.91 13.59 4.08
C GLY A 105 -1.76 12.56 4.83
N GLY A 106 -1.71 12.62 6.15
CA GLY A 106 -2.48 11.70 6.95
C GLY A 106 -3.87 12.27 7.16
N ASN A 107 -4.90 11.51 6.79
CA ASN A 107 -6.28 11.99 6.95
C ASN A 107 -7.12 11.15 7.89
N THR A 108 -7.92 11.85 8.68
CA THR A 108 -8.85 11.24 9.62
C THR A 108 -10.19 11.88 9.24
N PHE A 109 -11.24 11.07 9.20
CA PHE A 109 -12.55 11.61 8.84
C PHE A 109 -13.69 10.83 9.49
N THR A 110 -14.85 11.47 9.55
CA THR A 110 -16.04 10.85 10.11
C THR A 110 -17.26 11.28 9.32
N ILE A 111 -18.28 10.44 9.35
CA ILE A 111 -19.54 10.71 8.67
C ILE A 111 -20.38 11.56 9.61
N LEU A 112 -20.43 12.85 9.30
CA LEU A 112 -21.14 13.83 10.10
C LEU A 112 -22.65 13.61 10.14
N LYS A 113 -23.23 13.28 8.98
CA LYS A 113 -24.67 13.07 8.88
C LYS A 113 -25.03 12.48 7.52
N THR A 114 -26.07 11.65 7.51
CA THR A 114 -26.53 11.00 6.29
C THR A 114 -27.95 10.47 6.42
N ASP A 115 -28.66 10.45 5.29
CA ASP A 115 -30.02 9.92 5.24
C ASP A 115 -30.00 8.69 4.34
N TYR A 116 -28.79 8.32 3.91
CA TYR A 116 -28.52 7.16 3.06
C TYR A 116 -28.94 7.27 1.60
N ASP A 117 -30.22 7.59 1.34
CA ASP A 117 -30.72 7.70 -0.02
C ASP A 117 -30.58 9.02 -0.77
N ARG A 118 -30.06 10.06 -0.12
CA ARG A 118 -29.89 11.35 -0.78
C ARG A 118 -28.50 11.95 -0.58
N TYR A 119 -28.18 12.31 0.66
CA TYR A 119 -26.90 12.94 0.95
C TYR A 119 -26.08 12.21 2.01
N VAL A 120 -24.84 12.66 2.15
CA VAL A 120 -23.89 12.15 3.12
C VAL A 120 -22.87 13.28 3.33
N MET A 121 -22.64 13.63 4.60
CA MET A 121 -21.71 14.70 4.92
C MET A 121 -20.50 14.14 5.65
N PHE A 122 -19.32 14.40 5.10
CA PHE A 122 -18.07 13.95 5.72
C PHE A 122 -17.28 15.11 6.29
N HIS A 123 -16.63 14.88 7.42
CA HIS A 123 -15.79 15.88 8.04
C HIS A 123 -14.40 15.27 8.11
N LEU A 124 -13.45 15.90 7.44
CA LEU A 124 -12.08 15.41 7.40
C LEU A 124 -11.05 16.36 7.99
N ILE A 125 -10.02 15.78 8.60
CA ILE A 125 -8.92 16.54 9.18
C ILE A 125 -7.66 15.97 8.56
N ASN A 126 -6.91 16.85 7.90
CA ASN A 126 -5.67 16.48 7.23
C ASN A 126 -4.47 16.89 8.06
N PHE A 127 -3.37 16.15 7.90
CA PHE A 127 -2.12 16.45 8.57
C PHE A 127 -0.98 16.21 7.60
N LYS A 128 -0.14 17.22 7.45
CA LYS A 128 1.00 17.14 6.57
C LYS A 128 2.06 18.16 6.92
N ASN A 129 3.24 17.66 7.29
CA ASN A 129 4.38 18.48 7.65
C ASN A 129 4.08 19.48 8.77
N GLY A 130 3.57 18.97 9.89
CA GLY A 130 3.26 19.81 11.03
C GLY A 130 1.93 20.54 11.05
N GLU A 131 1.46 20.95 9.88
CA GLU A 131 0.19 21.67 9.77
C GLU A 131 -1.00 20.74 9.56
N THR A 132 -2.18 21.24 9.93
CA THR A 132 -3.43 20.49 9.79
C THR A 132 -4.56 21.42 9.35
N PHE A 133 -5.48 20.89 8.55
CA PHE A 133 -6.63 21.67 8.08
C PHE A 133 -7.86 20.80 8.03
N GLN A 134 -9.03 21.43 8.10
CA GLN A 134 -10.29 20.72 8.05
C GLN A 134 -10.92 20.75 6.67
N LEU A 135 -11.74 19.74 6.41
CA LEU A 135 -12.44 19.63 5.15
C LEU A 135 -13.81 19.03 5.40
N MET A 136 -14.79 19.57 4.71
CA MET A 136 -16.16 19.07 4.82
C MET A 136 -16.71 18.95 3.41
N VAL A 137 -17.31 17.81 3.12
CA VAL A 137 -17.86 17.54 1.81
C VAL A 137 -19.30 17.05 1.87
N LEU A 138 -20.08 17.46 0.87
CA LEU A 138 -21.48 17.07 0.77
C LEU A 138 -21.62 16.23 -0.48
N TYR A 139 -21.44 14.92 -0.33
CA TYR A 139 -21.56 13.99 -1.45
C TYR A 139 -23.05 13.57 -1.55
N GLY A 140 -23.59 13.62 -2.76
CA GLY A 140 -25.00 13.24 -2.95
C GLY A 140 -25.21 12.14 -3.97
N ARG A 141 -26.33 11.44 -3.85
CA ARG A 141 -26.68 10.34 -4.75
C ARG A 141 -27.19 10.77 -6.13
N THR A 142 -27.51 12.06 -6.26
CA THR A 142 -27.97 12.61 -7.53
C THR A 142 -27.00 13.74 -7.88
N LYS A 143 -26.86 14.07 -9.17
CA LYS A 143 -25.94 15.12 -9.61
C LYS A 143 -26.09 16.46 -8.88
N ASP A 144 -27.17 16.61 -8.13
CA ASP A 144 -27.43 17.84 -7.39
C ASP A 144 -28.39 17.52 -6.24
N LEU A 145 -28.50 18.43 -5.27
CA LEU A 145 -29.40 18.26 -4.12
C LEU A 145 -30.18 19.54 -3.91
N SER A 146 -31.30 19.44 -3.19
CA SER A 146 -32.14 20.61 -2.91
C SER A 146 -31.36 21.64 -2.10
N SER A 147 -31.72 22.91 -2.27
CA SER A 147 -31.07 24.01 -1.56
C SER A 147 -31.15 23.86 -0.05
N ASP A 148 -32.23 23.26 0.43
CA ASP A 148 -32.44 23.03 1.87
C ASP A 148 -31.20 22.32 2.39
N ILE A 149 -30.86 21.23 1.73
CA ILE A 149 -29.71 20.42 2.08
C ILE A 149 -28.40 21.21 1.99
N LYS A 150 -28.17 21.87 0.85
CA LYS A 150 -26.97 22.67 0.65
C LYS A 150 -26.88 23.75 1.73
N GLU A 151 -28.03 24.29 2.09
CA GLU A 151 -28.10 25.32 3.13
C GLU A 151 -27.78 24.67 4.48
N LYS A 152 -28.35 23.48 4.69
CA LYS A 152 -28.14 22.71 5.91
C LYS A 152 -26.65 22.37 6.07
N PHE A 153 -26.01 22.04 4.95
CA PHE A 153 -24.59 21.72 4.94
C PHE A 153 -23.79 22.98 5.29
N ALA A 154 -24.08 24.06 4.56
CA ALA A 154 -23.41 25.34 4.76
C ALA A 154 -23.39 25.74 6.23
N LYS A 155 -24.52 25.54 6.91
CA LYS A 155 -24.64 25.86 8.32
C LYS A 155 -23.69 25.04 9.19
N LEU A 156 -23.52 23.76 8.87
CA LEU A 156 -22.62 22.89 9.62
C LEU A 156 -21.17 23.30 9.40
N CYS A 157 -20.86 23.72 8.18
CA CYS A 157 -19.51 24.17 7.84
C CYS A 157 -19.15 25.37 8.70
N GLU A 158 -20.09 26.31 8.85
CA GLU A 158 -19.87 27.50 9.65
C GLU A 158 -19.72 27.13 11.13
N ALA A 159 -20.51 26.16 11.58
CA ALA A 159 -20.46 25.69 12.96
C ALA A 159 -19.08 25.11 13.23
N HIS A 160 -18.44 24.59 12.18
CA HIS A 160 -17.10 24.01 12.30
C HIS A 160 -16.02 25.04 11.94
N GLY A 161 -16.39 26.31 12.00
CA GLY A 161 -15.46 27.39 11.72
C GLY A 161 -15.13 27.67 10.26
N ILE A 162 -15.91 27.12 9.32
CA ILE A 162 -15.67 27.34 7.91
C ILE A 162 -16.60 28.43 7.38
N THR A 163 -16.02 29.55 6.98
CA THR A 163 -16.76 30.69 6.47
C THR A 163 -17.35 30.43 5.07
N ARG A 164 -18.51 31.02 4.81
CA ARG A 164 -19.22 30.86 3.54
C ARG A 164 -18.41 31.12 2.27
N ASP A 165 -17.31 31.85 2.41
CA ASP A 165 -16.43 32.15 1.28
C ASP A 165 -15.65 30.90 0.90
N ASN A 166 -15.50 29.98 1.85
CA ASN A 166 -14.75 28.76 1.63
C ASN A 166 -15.61 27.52 1.38
N ILE A 167 -16.90 27.76 1.11
CA ILE A 167 -17.83 26.70 0.78
C ILE A 167 -18.00 26.83 -0.73
N ILE A 168 -17.71 25.76 -1.46
CA ILE A 168 -17.80 25.78 -2.92
C ILE A 168 -18.80 24.77 -3.49
N ASP A 169 -19.72 25.27 -4.31
CA ASP A 169 -20.73 24.43 -4.93
C ASP A 169 -20.17 23.88 -6.24
N LEU A 170 -19.84 22.60 -6.23
CA LEU A 170 -19.27 21.92 -7.40
C LEU A 170 -20.27 21.59 -8.51
N THR A 171 -21.56 21.58 -8.21
CA THR A 171 -22.57 21.29 -9.22
C THR A 171 -22.56 22.36 -10.32
N LYS A 172 -22.00 23.52 -9.99
CA LYS A 172 -21.93 24.63 -10.94
C LYS A 172 -20.71 24.57 -11.86
N THR A 173 -19.74 23.72 -11.52
CA THR A 173 -18.53 23.58 -12.34
C THR A 173 -18.40 22.19 -12.96
N ASP A 174 -17.29 21.98 -13.67
CA ASP A 174 -17.01 20.70 -14.31
C ASP A 174 -16.56 19.73 -13.22
N ARG A 175 -17.14 18.54 -13.24
CA ARG A 175 -16.80 17.52 -12.26
C ARG A 175 -16.28 16.26 -12.95
N CYS A 176 -15.47 16.46 -13.98
CA CYS A 176 -14.87 15.38 -14.76
C CYS A 176 -15.89 14.36 -15.26
N LEU A 177 -17.09 14.85 -15.54
CA LEU A 177 -18.17 14.00 -16.03
C LEU A 177 -18.10 13.88 -17.56
N GLU B 20 32.76 -14.47 -6.40
CA GLU B 20 32.42 -13.05 -6.10
C GLU B 20 31.17 -12.58 -6.85
N GLU B 21 31.33 -12.30 -8.14
CA GLU B 21 30.25 -11.82 -9.00
C GLU B 21 29.02 -12.69 -9.13
N ALA B 22 27.87 -12.05 -9.21
CA ALA B 22 26.58 -12.72 -9.34
C ALA B 22 25.55 -11.81 -9.99
N SER B 23 24.56 -12.42 -10.63
CA SER B 23 23.49 -11.68 -11.30
C SER B 23 22.17 -12.42 -11.09
N SER B 24 21.05 -11.72 -11.31
CA SER B 24 19.73 -12.31 -11.16
C SER B 24 19.36 -13.05 -12.44
N THR B 25 19.94 -12.62 -13.55
CA THR B 25 19.69 -13.23 -14.86
C THR B 25 20.52 -14.51 -15.02
N ARG B 26 21.34 -14.79 -14.00
CA ARG B 26 22.18 -15.98 -13.98
C ARG B 26 21.61 -16.93 -12.93
N GLY B 27 20.67 -16.43 -12.14
CA GLY B 27 20.01 -17.22 -11.10
C GLY B 27 20.83 -17.55 -9.87
N ASN B 28 22.13 -17.27 -9.93
CA ASN B 28 23.03 -17.56 -8.81
C ASN B 28 23.12 -16.40 -7.81
N LEU B 29 22.14 -15.51 -7.86
CA LEU B 29 22.13 -14.36 -6.96
C LEU B 29 21.60 -14.65 -5.56
N ASP B 30 22.43 -14.39 -4.56
CA ASP B 30 22.06 -14.59 -3.16
C ASP B 30 21.63 -13.22 -2.64
N VAL B 31 20.38 -12.86 -2.93
CA VAL B 31 19.79 -11.59 -2.53
C VAL B 31 20.03 -11.20 -1.07
N ALA B 32 20.08 -12.21 -0.19
CA ALA B 32 20.29 -12.00 1.24
C ALA B 32 21.54 -11.19 1.58
N LYS B 33 22.58 -11.32 0.75
CA LYS B 33 23.83 -10.60 0.97
C LYS B 33 23.76 -9.13 0.56
N LEU B 34 22.65 -8.72 -0.05
CA LEU B 34 22.48 -7.33 -0.47
C LEU B 34 21.94 -6.50 0.69
N ASN B 35 21.59 -7.17 1.78
CA ASN B 35 21.08 -6.53 2.97
C ASN B 35 22.19 -5.66 3.52
N GLY B 36 21.82 -4.53 4.12
CA GLY B 36 22.79 -3.62 4.67
C GLY B 36 22.75 -2.23 4.07
N ASP B 37 23.78 -1.44 4.37
CA ASP B 37 23.89 -0.07 3.88
C ASP B 37 24.47 0.04 2.48
N TRP B 38 23.90 0.96 1.71
CA TRP B 38 24.34 1.22 0.34
C TRP B 38 24.29 2.72 0.06
N PHE B 39 25.19 3.17 -0.80
CA PHE B 39 25.26 4.58 -1.18
C PHE B 39 25.07 4.70 -2.68
N SER B 40 24.52 5.82 -3.12
CA SER B 40 24.33 6.06 -4.55
C SER B 40 25.63 6.60 -5.10
N ILE B 41 26.26 5.84 -6.00
CA ILE B 41 27.52 6.28 -6.59
C ILE B 41 27.31 6.93 -7.94
N VAL B 42 26.65 6.20 -8.85
CA VAL B 42 26.40 6.71 -10.20
C VAL B 42 25.04 6.28 -10.76
N VAL B 43 24.35 7.23 -11.40
CA VAL B 43 23.07 6.98 -12.03
C VAL B 43 23.20 7.32 -13.53
N ALA B 44 22.47 6.60 -14.35
CA ALA B 44 22.49 6.79 -15.80
C ALA B 44 21.11 6.51 -16.40
N SER B 45 20.74 7.30 -17.41
CA SER B 45 19.46 7.19 -18.09
C SER B 45 19.39 8.16 -19.26
N ASN B 46 18.81 7.71 -20.37
CA ASN B 46 18.68 8.56 -21.55
C ASN B 46 17.46 9.46 -21.44
N LYS B 47 16.98 9.56 -20.20
CA LYS B 47 15.84 10.40 -19.83
C LYS B 47 16.46 11.24 -18.72
N ARG B 48 17.59 11.87 -19.05
CA ARG B 48 18.38 12.69 -18.16
C ARG B 48 17.57 13.52 -17.17
N GLU B 49 16.49 14.12 -17.67
CA GLU B 49 15.58 14.93 -16.87
C GLU B 49 15.29 14.24 -15.53
N LYS B 50 15.06 12.94 -15.60
CA LYS B 50 14.77 12.11 -14.43
C LYS B 50 15.88 11.96 -13.40
N ILE B 51 17.13 12.12 -13.83
CA ILE B 51 18.27 11.97 -12.91
C ILE B 51 19.01 13.25 -12.54
N GLU B 52 18.44 14.39 -12.89
CA GLU B 52 19.07 15.67 -12.59
C GLU B 52 18.44 16.25 -11.32
N GLU B 53 18.93 17.42 -10.92
CA GLU B 53 18.44 18.12 -9.74
C GLU B 53 16.91 18.13 -9.79
N ASN B 54 16.29 17.54 -8.76
CA ASN B 54 14.83 17.44 -8.64
C ASN B 54 14.19 16.27 -9.39
N GLY B 55 15.00 15.49 -10.09
CA GLY B 55 14.49 14.35 -10.83
C GLY B 55 13.97 13.27 -9.89
N SER B 56 12.85 12.65 -10.28
CA SER B 56 12.25 11.59 -9.48
C SER B 56 13.19 10.41 -9.25
N MET B 57 14.20 10.28 -10.11
CA MET B 57 15.16 9.18 -10.02
C MET B 57 16.51 9.49 -9.38
N ARG B 58 16.76 10.76 -9.05
CA ARG B 58 18.03 11.13 -8.42
C ARG B 58 17.93 10.76 -6.93
N VAL B 59 17.97 9.46 -6.67
CA VAL B 59 17.87 8.93 -5.32
C VAL B 59 19.21 8.72 -4.64
N PHE B 60 19.24 8.99 -3.33
CA PHE B 60 20.42 8.83 -2.52
C PHE B 60 20.15 7.67 -1.59
N MET B 61 20.54 6.49 -2.05
CA MET B 61 20.33 5.24 -1.32
C MET B 61 20.95 5.28 0.07
N GLN B 62 20.35 4.54 0.98
CA GLN B 62 20.82 4.49 2.36
C GLN B 62 20.88 3.05 2.85
N HIS B 63 19.81 2.31 2.60
CA HIS B 63 19.72 0.94 3.10
C HIS B 63 18.75 0.02 2.35
N ILE B 64 19.19 -1.21 2.11
CA ILE B 64 18.37 -2.23 1.45
C ILE B 64 18.03 -3.32 2.47
N ASP B 65 16.73 -3.59 2.60
CA ASP B 65 16.24 -4.62 3.52
C ASP B 65 15.75 -5.82 2.70
N VAL B 66 16.26 -7.00 3.03
CA VAL B 66 15.81 -8.20 2.33
C VAL B 66 14.63 -8.75 3.14
N LEU B 67 13.46 -8.74 2.52
CA LEU B 67 12.24 -9.19 3.17
C LEU B 67 11.64 -10.42 2.47
N GLU B 68 10.41 -10.76 2.84
CA GLU B 68 9.71 -11.91 2.26
C GLU B 68 9.33 -11.63 0.82
N ASN B 69 10.01 -12.32 -0.10
CA ASN B 69 9.77 -12.17 -1.54
C ASN B 69 9.73 -10.70 -1.95
N SER B 70 10.56 -9.89 -1.28
CA SER B 70 10.61 -8.46 -1.55
C SER B 70 11.87 -7.81 -1.02
N LEU B 71 12.12 -6.60 -1.52
CA LEU B 71 13.26 -5.81 -1.11
C LEU B 71 12.78 -4.44 -0.65
N GLY B 72 13.30 -4.00 0.50
CA GLY B 72 12.92 -2.71 1.05
C GLY B 72 14.04 -1.71 0.86
N PHE B 73 13.70 -0.54 0.34
CA PHE B 73 14.69 0.51 0.09
C PHE B 73 14.46 1.78 0.88
N LYS B 74 15.47 2.19 1.65
CA LYS B 74 15.41 3.42 2.41
C LYS B 74 16.35 4.37 1.69
N PHE B 75 15.83 5.52 1.29
CA PHE B 75 16.63 6.49 0.55
C PHE B 75 16.11 7.91 0.73
N ARG B 76 16.99 8.86 0.48
CA ARG B 76 16.64 10.26 0.55
C ARG B 76 16.59 10.82 -0.85
N ILE B 77 15.60 11.66 -1.11
CA ILE B 77 15.45 12.31 -2.39
C ILE B 77 15.19 13.78 -2.09
N LYS B 78 15.93 14.64 -2.77
CA LYS B 78 15.82 16.08 -2.57
C LYS B 78 14.72 16.70 -3.43
N GLU B 79 13.64 17.10 -2.78
CA GLU B 79 12.50 17.73 -3.46
C GLU B 79 12.41 19.18 -3.01
N ASN B 80 12.46 20.10 -3.98
CA ASN B 80 12.36 21.54 -3.72
C ASN B 80 13.47 21.99 -2.76
N GLY B 81 14.66 21.43 -2.92
CA GLY B 81 15.78 21.78 -2.07
C GLY B 81 15.73 21.18 -0.67
N GLU B 82 14.74 20.33 -0.42
CA GLU B 82 14.60 19.70 0.89
C GLU B 82 14.64 18.17 0.79
N CYS B 83 15.55 17.57 1.55
CA CYS B 83 15.71 16.12 1.57
C CYS B 83 14.55 15.42 2.25
N ARG B 84 13.97 14.44 1.56
CA ARG B 84 12.84 13.67 2.10
C ARG B 84 13.31 12.26 2.44
N GLU B 85 12.72 11.70 3.49
CA GLU B 85 13.05 10.35 3.91
C GLU B 85 11.98 9.40 3.37
N LEU B 86 12.37 8.59 2.38
CA LEU B 86 11.44 7.66 1.76
C LEU B 86 11.82 6.20 1.90
N TYR B 87 10.80 5.36 1.87
CA TYR B 87 10.97 3.91 1.96
C TYR B 87 10.02 3.24 0.98
N LEU B 88 10.57 2.33 0.17
CA LEU B 88 9.78 1.61 -0.81
C LEU B 88 10.03 0.11 -0.76
N VAL B 89 8.95 -0.65 -0.99
CA VAL B 89 9.02 -2.11 -1.02
C VAL B 89 8.82 -2.55 -2.45
N ALA B 90 9.74 -3.37 -2.95
CA ALA B 90 9.67 -3.91 -4.30
C ALA B 90 9.37 -5.39 -4.17
N TYR B 91 8.41 -5.88 -4.95
CA TYR B 91 8.02 -7.28 -4.88
C TYR B 91 8.61 -8.13 -6.00
N LYS B 92 9.08 -9.31 -5.64
CA LYS B 92 9.64 -10.25 -6.59
C LYS B 92 8.49 -10.71 -7.49
N THR B 93 8.78 -10.83 -8.78
CA THR B 93 7.78 -11.27 -9.74
C THR B 93 8.14 -12.66 -10.29
N PRO B 94 7.23 -13.30 -11.03
CA PRO B 94 7.49 -14.62 -11.59
C PRO B 94 8.57 -14.63 -12.68
N GLU B 95 8.81 -13.47 -13.30
CA GLU B 95 9.83 -13.37 -14.37
C GLU B 95 11.20 -13.37 -13.67
N ASP B 96 11.98 -14.43 -13.89
CA ASP B 96 13.31 -14.59 -13.26
C ASP B 96 14.17 -13.35 -13.02
N GLY B 97 14.42 -13.09 -11.74
CA GLY B 97 15.25 -11.97 -11.33
C GLY B 97 14.58 -10.61 -11.36
N GLU B 98 13.31 -10.58 -11.74
CA GLU B 98 12.56 -9.32 -11.82
C GLU B 98 11.81 -8.91 -10.56
N TYR B 99 11.81 -7.61 -10.31
CA TYR B 99 11.12 -7.03 -9.16
C TYR B 99 10.26 -5.88 -9.64
N PHE B 100 9.15 -5.66 -8.94
CA PHE B 100 8.27 -4.56 -9.30
C PHE B 100 8.17 -3.57 -8.14
N VAL B 101 8.02 -2.31 -8.50
CA VAL B 101 7.89 -1.24 -7.52
C VAL B 101 7.15 -0.09 -8.16
N GLU B 102 6.14 0.41 -7.46
CA GLU B 102 5.37 1.53 -7.96
C GLU B 102 6.01 2.80 -7.40
N TYR B 103 6.56 3.59 -8.31
CA TYR B 103 7.22 4.83 -7.95
C TYR B 103 7.35 5.68 -9.21
N ASP B 104 6.61 6.79 -9.26
CA ASP B 104 6.62 7.68 -10.41
C ASP B 104 6.31 6.83 -11.64
N GLY B 105 5.39 5.86 -11.45
CA GLY B 105 5.01 4.95 -12.50
C GLY B 105 5.28 3.51 -12.13
N GLY B 106 5.05 2.60 -13.07
CA GLY B 106 5.29 1.20 -12.83
C GLY B 106 6.75 0.88 -13.14
N ASN B 107 7.47 0.32 -12.17
CA ASN B 107 8.87 -0.01 -12.38
C ASN B 107 9.20 -1.49 -12.27
N THR B 108 10.06 -1.93 -13.16
CA THR B 108 10.54 -3.30 -13.20
C THR B 108 12.05 -3.15 -13.18
N PHE B 109 12.72 -3.97 -12.38
CA PHE B 109 14.17 -3.88 -12.31
C PHE B 109 14.82 -5.22 -11.99
N THR B 110 16.11 -5.31 -12.30
CA THR B 110 16.89 -6.51 -12.03
C THR B 110 18.29 -6.13 -11.59
N ILE B 111 18.91 -7.02 -10.83
CA ILE B 111 20.27 -6.83 -10.35
C ILE B 111 21.20 -7.30 -11.46
N LEU B 112 21.77 -6.34 -12.17
CA LEU B 112 22.66 -6.60 -13.30
C LEU B 112 23.95 -7.31 -12.90
N LYS B 113 24.55 -6.87 -11.79
CA LYS B 113 25.80 -7.45 -11.33
C LYS B 113 26.13 -6.96 -9.92
N THR B 114 26.77 -7.82 -9.13
CA THR B 114 27.16 -7.47 -7.77
C THR B 114 28.24 -8.40 -7.23
N ASP B 115 29.06 -7.86 -6.33
CA ASP B 115 30.12 -8.63 -5.69
C ASP B 115 29.80 -8.70 -4.19
N TYR B 116 28.63 -8.18 -3.85
CA TYR B 116 28.09 -8.15 -2.49
C TYR B 116 28.75 -7.18 -1.51
N ASP B 117 30.07 -7.27 -1.36
CA ASP B 117 30.80 -6.41 -0.42
C ASP B 117 31.27 -5.03 -0.89
N ARG B 118 31.09 -4.71 -2.17
CA ARG B 118 31.51 -3.40 -2.68
C ARG B 118 30.43 -2.69 -3.48
N TYR B 119 30.06 -3.25 -4.63
CA TYR B 119 29.07 -2.64 -5.51
C TYR B 119 27.88 -3.53 -5.83
N VAL B 120 26.88 -2.91 -6.46
CA VAL B 120 25.67 -3.57 -6.92
C VAL B 120 25.13 -2.68 -8.04
N MET B 121 24.84 -3.29 -9.17
CA MET B 121 24.32 -2.57 -10.33
C MET B 121 22.90 -2.97 -10.63
N PHE B 122 22.00 -2.00 -10.65
CA PHE B 122 20.59 -2.26 -10.94
C PHE B 122 20.21 -1.68 -12.30
N HIS B 123 19.34 -2.41 -13.01
CA HIS B 123 18.83 -1.96 -14.29
C HIS B 123 17.33 -1.86 -14.12
N LEU B 124 16.80 -0.66 -14.30
CA LEU B 124 15.37 -0.43 -14.15
C LEU B 124 14.69 0.07 -15.41
N ILE B 125 13.43 -0.33 -15.58
CA ILE B 125 12.62 0.10 -16.70
C ILE B 125 11.35 0.68 -16.09
N ASN B 126 11.09 1.94 -16.41
CA ASN B 126 9.93 2.66 -15.90
C ASN B 126 8.84 2.75 -16.96
N PHE B 127 7.60 2.82 -16.51
CA PHE B 127 6.45 2.97 -17.38
C PHE B 127 5.47 3.95 -16.76
N LYS B 128 5.10 4.95 -17.53
CA LYS B 128 4.17 5.96 -17.06
C LYS B 128 3.51 6.70 -18.23
N ASN B 129 2.19 6.56 -18.31
CA ASN B 129 1.39 7.20 -19.34
C ASN B 129 1.85 6.87 -20.77
N GLY B 130 1.96 5.57 -21.06
CA GLY B 130 2.36 5.14 -22.39
C GLY B 130 3.85 5.07 -22.69
N GLU B 131 4.63 5.99 -22.11
CA GLU B 131 6.07 6.02 -22.35
C GLU B 131 6.86 5.20 -21.34
N THR B 132 8.06 4.79 -21.73
CA THR B 132 8.95 4.00 -20.89
C THR B 132 10.39 4.45 -21.08
N PHE B 133 11.16 4.39 -20.00
CA PHE B 133 12.58 4.76 -20.05
C PHE B 133 13.40 3.83 -19.17
N GLN B 134 14.68 3.73 -19.48
CA GLN B 134 15.58 2.88 -18.72
C GLN B 134 16.39 3.67 -17.70
N LEU B 135 16.81 2.97 -16.66
CA LEU B 135 17.62 3.56 -15.61
C LEU B 135 18.61 2.52 -15.11
N MET B 136 19.82 2.97 -14.86
CA MET B 136 20.87 2.11 -14.34
C MET B 136 21.57 2.86 -13.22
N VAL B 137 21.74 2.17 -12.09
CA VAL B 137 22.35 2.76 -10.92
C VAL B 137 23.49 1.91 -10.37
N LEU B 138 24.50 2.57 -9.86
CA LEU B 138 25.65 1.91 -9.27
C LEU B 138 25.68 2.27 -7.80
N TYR B 139 25.01 1.45 -6.99
CA TYR B 139 24.96 1.66 -5.55
C TYR B 139 26.17 0.95 -4.93
N GLY B 140 26.90 1.64 -4.05
CA GLY B 140 28.06 1.05 -3.42
C GLY B 140 28.02 1.06 -1.90
N ARG B 141 28.77 0.15 -1.28
CA ARG B 141 28.82 0.03 0.17
C ARG B 141 29.67 1.09 0.88
N THR B 142 30.46 1.83 0.11
CA THR B 142 31.30 2.91 0.63
C THR B 142 30.88 4.17 -0.11
N LYS B 143 31.08 5.34 0.50
CA LYS B 143 30.70 6.62 -0.11
C LYS B 143 31.21 6.84 -1.54
N ASP B 144 32.14 5.99 -1.98
CA ASP B 144 32.71 6.08 -3.32
C ASP B 144 33.29 4.71 -3.70
N LEU B 145 33.56 4.51 -4.99
CA LEU B 145 34.13 3.26 -5.48
C LEU B 145 35.29 3.57 -6.41
N SER B 146 36.17 2.59 -6.63
CA SER B 146 37.32 2.77 -7.51
C SER B 146 36.85 3.08 -8.94
N SER B 147 37.68 3.82 -9.67
CA SER B 147 37.38 4.20 -11.05
C SER B 147 37.14 2.99 -11.96
N ASP B 148 37.84 1.88 -11.66
CA ASP B 148 37.71 0.64 -12.43
C ASP B 148 36.24 0.29 -12.48
N ILE B 149 35.62 0.26 -11.30
CA ILE B 149 34.21 -0.06 -11.15
C ILE B 149 33.33 0.96 -11.89
N LYS B 150 33.55 2.25 -11.63
CA LYS B 150 32.76 3.30 -12.28
C LYS B 150 32.91 3.20 -13.79
N GLU B 151 34.11 2.84 -14.24
CA GLU B 151 34.38 2.66 -15.66
C GLU B 151 33.63 1.42 -16.15
N LYS B 152 33.68 0.37 -15.35
CA LYS B 152 33.01 -0.89 -15.66
C LYS B 152 31.50 -0.66 -15.78
N PHE B 153 30.97 0.18 -14.89
CA PHE B 153 29.55 0.51 -14.90
C PHE B 153 29.23 1.29 -16.17
N ALA B 154 30.00 2.35 -16.41
CA ALA B 154 29.84 3.21 -17.57
C ALA B 154 29.72 2.39 -18.86
N LYS B 155 30.58 1.37 -18.98
CA LYS B 155 30.57 0.50 -20.14
C LYS B 155 29.26 -0.26 -20.31
N LEU B 156 28.70 -0.72 -19.18
CA LEU B 156 27.43 -1.46 -19.22
C LEU B 156 26.29 -0.53 -19.61
N CYS B 157 26.35 0.72 -19.15
CA CYS B 157 25.34 1.72 -19.47
C CYS B 157 25.31 1.93 -20.98
N GLU B 158 26.49 2.05 -21.59
CA GLU B 158 26.60 2.24 -23.03
C GLU B 158 26.09 1.03 -23.78
N ALA B 159 26.39 -0.17 -23.26
CA ALA B 159 25.94 -1.42 -23.86
C ALA B 159 24.41 -1.46 -23.86
N HIS B 160 23.81 -0.77 -22.90
CA HIS B 160 22.36 -0.70 -22.78
C HIS B 160 21.80 0.54 -23.45
N GLY B 161 22.60 1.12 -24.34
CA GLY B 161 22.19 2.30 -25.09
C GLY B 161 22.23 3.63 -24.37
N ILE B 162 22.88 3.69 -23.22
CA ILE B 162 22.98 4.94 -22.46
C ILE B 162 24.32 5.62 -22.73
N THR B 163 24.25 6.78 -23.37
CA THR B 163 25.45 7.56 -23.71
C THR B 163 26.10 8.19 -22.48
N ARG B 164 27.43 8.31 -22.53
CA ARG B 164 28.23 8.87 -21.43
C ARG B 164 27.79 10.22 -20.91
N ASP B 165 27.02 10.95 -21.71
CA ASP B 165 26.51 12.27 -21.32
C ASP B 165 25.39 12.10 -20.30
N ASN B 166 24.77 10.92 -20.30
CA ASN B 166 23.67 10.63 -19.41
C ASN B 166 24.04 9.78 -18.20
N ILE B 167 25.35 9.64 -17.97
CA ILE B 167 25.87 8.91 -16.82
C ILE B 167 26.31 10.02 -15.88
N ILE B 168 25.77 10.02 -14.67
CA ILE B 168 26.09 11.04 -13.68
C ILE B 168 26.73 10.50 -12.40
N ASP B 169 27.88 11.04 -12.04
CA ASP B 169 28.61 10.63 -10.84
C ASP B 169 28.10 11.47 -9.66
N LEU B 170 27.32 10.82 -8.80
CA LEU B 170 26.75 11.46 -7.63
C LEU B 170 27.71 11.71 -6.48
N THR B 171 28.84 11.01 -6.45
CA THR B 171 29.83 11.20 -5.38
C THR B 171 30.38 12.63 -5.42
N LYS B 172 30.26 13.29 -6.56
CA LYS B 172 30.73 14.65 -6.74
C LYS B 172 29.75 15.73 -6.29
N THR B 173 28.49 15.33 -6.06
CA THR B 173 27.46 16.27 -5.62
C THR B 173 26.93 15.94 -4.22
N ASP B 174 25.96 16.74 -3.78
CA ASP B 174 25.33 16.55 -2.49
C ASP B 174 24.39 15.36 -2.60
N ARG B 175 24.48 14.46 -1.62
CA ARG B 175 23.64 13.27 -1.61
C ARG B 175 22.81 13.21 -0.33
N CYS B 176 22.30 14.38 0.08
CA CYS B 176 21.48 14.51 1.28
C CYS B 176 22.12 13.90 2.52
N LEU B 177 23.45 13.96 2.57
CA LEU B 177 24.20 13.42 3.70
C LEU B 177 24.34 14.48 4.80
N GLU C 20 16.03 14.07 29.29
CA GLU C 20 16.01 12.64 28.85
C GLU C 20 14.62 12.22 28.37
N GLU C 21 13.72 11.96 29.32
CA GLU C 21 12.36 11.51 29.05
C GLU C 21 11.50 12.42 28.17
N ALA C 22 10.69 11.78 27.34
CA ALA C 22 9.78 12.48 26.44
C ALA C 22 8.59 11.59 26.06
N SER C 23 7.48 12.23 25.71
CA SER C 23 6.26 11.52 25.32
C SER C 23 5.59 12.27 24.16
N SER C 24 4.70 11.59 23.46
CA SER C 24 3.99 12.19 22.35
C SER C 24 2.78 12.97 22.87
N THR C 25 2.28 12.55 24.04
CA THR C 25 1.15 13.19 24.68
C THR C 25 1.59 14.46 25.41
N ARG C 26 2.90 14.71 25.39
CA ARG C 26 3.48 15.90 26.01
C ARG C 26 3.94 16.83 24.90
N GLY C 27 3.94 16.32 23.67
CA GLY C 27 4.33 17.10 22.51
C GLY C 27 5.81 17.39 22.34
N ASN C 28 6.59 17.10 23.37
CA ASN C 28 8.03 17.34 23.35
C ASN C 28 8.83 16.16 22.78
N LEU C 29 8.15 15.28 22.07
CA LEU C 29 8.80 14.12 21.48
C LEU C 29 9.54 14.39 20.18
N ASP C 30 10.83 14.09 20.18
CA ASP C 30 11.66 14.25 19.00
C ASP C 30 11.76 12.87 18.34
N VAL C 31 10.73 12.55 17.57
CA VAL C 31 10.63 11.28 16.87
C VAL C 31 11.89 10.86 16.10
N ALA C 32 12.63 11.84 15.59
CA ALA C 32 13.86 11.59 14.82
C ALA C 32 14.90 10.77 15.57
N LYS C 33 14.92 10.89 16.90
CA LYS C 33 15.87 10.16 17.73
C LYS C 33 15.48 8.69 17.94
N LEU C 34 14.29 8.31 17.49
CA LEU C 34 13.82 6.93 17.62
C LEU C 34 14.34 6.08 16.48
N ASN C 35 14.98 6.75 15.52
CA ASN C 35 15.54 6.08 14.35
C ASN C 35 16.65 5.18 14.86
N GLY C 36 16.84 4.05 14.19
CA GLY C 36 17.88 3.11 14.59
C GLY C 36 17.34 1.73 14.95
N ASP C 37 18.22 0.92 15.56
CA ASP C 37 17.88 -0.44 15.96
C ASP C 37 17.17 -0.53 17.30
N TRP C 38 16.20 -1.43 17.38
CA TRP C 38 15.41 -1.65 18.58
C TRP C 38 15.13 -3.14 18.73
N PHE C 39 15.02 -3.59 19.97
CA PHE C 39 14.76 -4.99 20.27
C PHE C 39 13.48 -5.08 21.10
N SER C 40 12.75 -6.18 20.96
CA SER C 40 11.53 -6.38 21.73
C SER C 40 11.92 -6.93 23.08
N ILE C 41 11.65 -6.16 24.13
CA ILE C 41 12.01 -6.60 25.48
C ILE C 41 10.80 -7.21 26.19
N VAL C 42 9.71 -6.46 26.26
CA VAL C 42 8.50 -6.93 26.93
C VAL C 42 7.21 -6.48 26.25
N VAL C 43 6.26 -7.40 26.14
CA VAL C 43 4.95 -7.12 25.55
C VAL C 43 3.89 -7.43 26.61
N ALA C 44 2.80 -6.67 26.57
CA ALA C 44 1.70 -6.84 27.52
C ALA C 44 0.36 -6.53 26.85
N SER C 45 -0.67 -7.29 27.21
CA SER C 45 -2.01 -7.14 26.65
C SER C 45 -2.97 -8.08 27.36
N ASN C 46 -4.19 -7.60 27.63
CA ASN C 46 -5.21 -8.42 28.28
C ASN C 46 -5.92 -9.31 27.28
N LYS C 47 -5.29 -9.44 26.12
CA LYS C 47 -5.74 -10.26 25.02
C LYS C 47 -4.52 -11.14 24.78
N ARG C 48 -4.07 -11.77 25.86
CA ARG C 48 -2.89 -12.63 25.90
C ARG C 48 -2.68 -13.47 24.64
N GLU C 49 -3.77 -14.04 24.14
CA GLU C 49 -3.76 -14.85 22.93
C GLU C 49 -2.89 -14.19 21.85
N LYS C 50 -3.06 -12.88 21.71
CA LYS C 50 -2.33 -12.08 20.74
C LYS C 50 -0.82 -11.98 20.93
N ILE C 51 -0.35 -12.13 22.17
CA ILE C 51 1.08 -12.03 22.45
C ILE C 51 1.80 -13.32 22.79
N GLU C 52 1.14 -14.45 22.58
CA GLU C 52 1.74 -15.74 22.87
C GLU C 52 2.30 -16.33 21.59
N GLU C 53 2.89 -17.52 21.70
CA GLU C 53 3.47 -18.24 20.58
C GLU C 53 2.45 -18.23 19.43
N ASN C 54 2.84 -17.66 18.30
CA ASN C 54 2.02 -17.53 17.10
C ASN C 54 1.06 -16.34 17.08
N GLY C 55 1.06 -15.56 18.15
CA GLY C 55 0.20 -14.40 18.23
C GLY C 55 0.60 -13.33 17.22
N SER C 56 -0.38 -12.69 16.61
CA SER C 56 -0.14 -11.64 15.63
C SER C 56 0.67 -10.47 16.20
N MET C 57 0.67 -10.34 17.52
CA MET C 57 1.38 -9.26 18.19
C MET C 57 2.73 -9.60 18.82
N ARG C 58 3.11 -10.88 18.82
CA ARG C 58 4.40 -11.27 19.39
C ARG C 58 5.49 -10.94 18.36
N VAL C 59 5.74 -9.64 18.21
CA VAL C 59 6.73 -9.15 17.26
C VAL C 59 8.12 -8.98 17.86
N PHE C 60 9.12 -9.28 17.04
CA PHE C 60 10.51 -9.15 17.44
C PHE C 60 11.08 -8.00 16.62
N MET C 61 11.01 -6.81 17.21
CA MET C 61 11.48 -5.59 16.58
C MET C 61 12.94 -5.67 16.17
N GLN C 62 13.28 -4.93 15.12
CA GLN C 62 14.62 -4.91 14.60
C GLN C 62 15.09 -3.50 14.33
N HIS C 63 14.23 -2.73 13.65
CA HIS C 63 14.57 -1.38 13.26
C HIS C 63 13.41 -0.42 12.98
N ILE C 64 13.54 0.80 13.48
CA ILE C 64 12.53 1.85 13.25
C ILE C 64 13.13 2.91 12.34
N ASP C 65 12.41 3.21 11.27
CA ASP C 65 12.81 4.22 10.29
C ASP C 65 11.91 5.44 10.44
N VAL C 66 12.52 6.61 10.61
CA VAL C 66 11.72 7.84 10.71
C VAL C 66 11.61 8.38 9.29
N LEU C 67 10.39 8.40 8.78
CA LEU C 67 10.10 8.85 7.42
C LEU C 67 9.22 10.10 7.41
N GLU C 68 8.72 10.45 6.23
CA GLU C 68 7.87 11.61 6.06
C GLU C 68 6.50 11.37 6.69
N ASN C 69 6.24 12.07 7.79
CA ASN C 69 4.98 11.97 8.54
C ASN C 69 4.61 10.51 8.77
N SER C 70 5.63 9.67 8.97
CA SER C 70 5.42 8.25 9.19
C SER C 70 6.61 7.56 9.83
N LEU C 71 6.36 6.36 10.33
CA LEU C 71 7.39 5.54 10.97
C LEU C 71 7.40 4.18 10.30
N GLY C 72 8.60 3.70 9.97
CA GLY C 72 8.74 2.41 9.34
C GLY C 72 9.29 1.39 10.33
N PHE C 73 8.64 0.24 10.40
CA PHE C 73 9.07 -0.81 11.33
C PHE C 73 9.49 -2.10 10.64
N LYS C 74 10.71 -2.54 10.93
CA LYS C 74 11.23 -3.79 10.39
C LYS C 74 11.25 -4.73 11.58
N PHE C 75 10.58 -5.87 11.44
CA PHE C 75 10.51 -6.83 12.53
C PHE C 75 10.26 -8.24 12.04
N ARG C 76 10.62 -9.20 12.88
CA ARG C 76 10.42 -10.60 12.56
C ARG C 76 9.29 -11.12 13.43
N ILE C 77 8.44 -11.94 12.83
CA ILE C 77 7.34 -12.57 13.55
C ILE C 77 7.37 -14.03 13.17
N LYS C 78 7.30 -14.89 14.17
CA LYS C 78 7.34 -16.33 13.96
C LYS C 78 5.96 -16.91 13.67
N GLU C 79 5.76 -17.33 12.42
CA GLU C 79 4.50 -17.92 11.99
C GLU C 79 4.74 -19.38 11.64
N ASN C 80 4.01 -20.26 12.30
CA ASN C 80 4.11 -21.71 12.07
C ASN C 80 5.54 -22.21 12.30
N GLY C 81 6.20 -21.65 13.32
CA GLY C 81 7.56 -22.04 13.64
C GLY C 81 8.62 -21.47 12.71
N GLU C 82 8.20 -20.62 11.77
CA GLU C 82 9.13 -20.01 10.83
C GLU C 82 9.11 -18.49 10.92
N CYS C 83 10.30 -17.91 11.12
CA CYS C 83 10.45 -16.46 11.23
C CYS C 83 10.25 -15.75 9.90
N ARG C 84 9.37 -14.76 9.89
CA ARG C 84 9.09 -13.99 8.68
C ARG C 84 9.69 -12.59 8.81
N GLU C 85 10.12 -12.05 7.68
CA GLU C 85 10.69 -10.71 7.65
C GLU C 85 9.62 -9.74 7.19
N LEU C 86 9.13 -8.92 8.11
CA LEU C 86 8.07 -7.96 7.79
C LEU C 86 8.47 -6.51 7.98
N TYR C 87 7.81 -5.64 7.22
CA TYR C 87 8.03 -4.21 7.29
C TYR C 87 6.69 -3.50 7.18
N LEU C 88 6.44 -2.58 8.11
CA LEU C 88 5.20 -1.83 8.14
C LEU C 88 5.43 -0.33 8.29
N VAL C 89 4.59 0.45 7.61
CA VAL C 89 4.65 1.89 7.67
C VAL C 89 3.42 2.37 8.43
N ALA C 90 3.67 3.20 9.44
CA ALA C 90 2.60 3.76 10.26
C ALA C 90 2.54 5.25 9.94
N TYR C 91 1.34 5.76 9.69
CA TYR C 91 1.17 7.17 9.35
C TYR C 91 0.71 8.03 10.52
N LYS C 92 1.33 9.21 10.64
CA LYS C 92 0.97 10.16 11.68
C LYS C 92 -0.44 10.65 11.37
N THR C 93 -1.23 10.81 12.42
CA THR C 93 -2.61 11.28 12.27
C THR C 93 -2.76 12.68 12.88
N PRO C 94 -3.91 13.34 12.65
CA PRO C 94 -4.12 14.68 13.21
C PRO C 94 -4.27 14.69 14.74
N GLU C 95 -4.63 13.54 15.33
CA GLU C 95 -4.79 13.45 16.78
C GLU C 95 -3.39 13.41 17.40
N ASP C 96 -3.02 14.47 18.13
CA ASP C 96 -1.69 14.60 18.74
C ASP C 96 -0.99 13.34 19.25
N GLY C 97 0.16 13.05 18.63
CA GLY C 97 0.98 11.91 19.01
C GLY C 97 0.49 10.56 18.52
N GLU C 98 -0.62 10.55 17.79
CA GLU C 98 -1.19 9.31 17.28
C GLU C 98 -0.72 8.89 15.89
N TYR C 99 -0.56 7.58 15.73
CA TYR C 99 -0.14 6.98 14.47
C TYR C 99 -1.09 5.86 14.12
N PHE C 100 -1.27 5.63 12.83
CA PHE C 100 -2.12 4.55 12.37
C PHE C 100 -1.33 3.54 11.57
N VAL C 101 -1.73 2.28 11.69
CA VAL C 101 -1.09 1.20 10.98
C VAL C 101 -2.09 0.06 10.81
N GLU C 102 -2.21 -0.43 9.59
CA GLU C 102 -3.11 -1.53 9.32
C GLU C 102 -2.31 -2.81 9.47
N TYR C 103 -2.68 -3.59 10.47
CA TYR C 103 -2.01 -4.85 10.75
C TYR C 103 -2.91 -5.67 11.66
N ASP C 104 -3.45 -6.77 11.13
CA ASP C 104 -4.36 -7.63 11.88
C ASP C 104 -5.48 -6.75 12.43
N GLY C 105 -5.89 -5.78 11.60
CA GLY C 105 -6.92 -4.84 11.98
C GLY C 105 -6.42 -3.42 11.94
N GLY C 106 -7.27 -2.49 12.36
CA GLY C 106 -6.89 -1.09 12.38
C GLY C 106 -6.19 -0.78 13.70
N ASN C 107 -4.98 -0.25 13.63
CA ASN C 107 -4.22 0.06 14.84
C ASN C 107 -3.90 1.53 15.01
N THR C 108 -4.02 1.99 16.24
CA THR C 108 -3.71 3.36 16.63
C THR C 108 -2.72 3.18 17.77
N PHE C 109 -1.66 3.98 17.78
CA PHE C 109 -0.68 3.86 18.85
C PHE C 109 0.01 5.19 19.14
N THR C 110 0.61 5.27 20.32
CA THR C 110 1.35 6.45 20.73
C THR C 110 2.56 6.04 21.54
N ILE C 111 3.57 6.90 21.53
CA ILE C 111 4.81 6.68 22.27
C ILE C 111 4.57 7.18 23.68
N LEU C 112 4.35 6.22 24.58
CA LEU C 112 4.07 6.49 25.98
C LEU C 112 5.21 7.18 26.72
N LYS C 113 6.44 6.71 26.47
CA LYS C 113 7.62 7.26 27.14
C LYS C 113 8.90 6.74 26.49
N THR C 114 9.93 7.56 26.48
CA THR C 114 11.21 7.19 25.90
C THR C 114 12.35 8.08 26.37
N ASP C 115 13.55 7.52 26.43
CA ASP C 115 14.74 8.25 26.84
C ASP C 115 15.69 8.30 25.63
N TYR C 116 15.18 7.79 24.51
CA TYR C 116 15.88 7.73 23.23
C TYR C 116 17.03 6.72 23.12
N ASP C 117 18.00 6.80 24.03
CA ASP C 117 19.16 5.90 23.99
C ASP C 117 19.07 4.53 24.67
N ARG C 118 17.95 4.24 25.34
CA ARG C 118 17.80 2.94 26.00
C ARG C 118 16.48 2.25 25.68
N TYR C 119 15.38 2.86 26.13
CA TYR C 119 14.06 2.28 25.94
C TYR C 119 13.07 3.19 25.23
N VAL C 120 11.93 2.59 24.86
CA VAL C 120 10.82 3.28 24.22
C VAL C 120 9.59 2.43 24.53
N MET C 121 8.54 3.07 25.04
CA MET C 121 7.31 2.37 25.38
C MET C 121 6.17 2.80 24.48
N PHE C 122 5.57 1.84 23.80
CA PHE C 122 4.44 2.13 22.91
C PHE C 122 3.14 1.60 23.48
N HIS C 123 2.07 2.35 23.27
CA HIS C 123 0.74 1.92 23.71
C HIS C 123 -0.10 1.85 22.45
N LEU C 124 -0.61 0.65 22.16
CA LEU C 124 -1.41 0.44 20.96
C LEU C 124 -2.83 -0.03 21.24
N ILE C 125 -3.75 0.39 20.38
CA ILE C 125 -5.15 0.00 20.47
C ILE C 125 -5.51 -0.58 19.12
N ASN C 126 -5.95 -1.83 19.13
CA ASN C 126 -6.32 -2.54 17.92
C ASN C 126 -7.83 -2.59 17.76
N PHE C 127 -8.27 -2.65 16.51
CA PHE C 127 -9.70 -2.76 16.20
C PHE C 127 -9.86 -3.74 15.05
N LYS C 128 -10.72 -4.73 15.26
CA LYS C 128 -10.98 -5.74 14.26
C LYS C 128 -12.31 -6.44 14.50
N ASN C 129 -13.22 -6.28 13.53
CA ASN C 129 -14.54 -6.88 13.58
C ASN C 129 -15.33 -6.53 14.85
N GLY C 130 -15.46 -5.23 15.11
CA GLY C 130 -16.21 -4.77 16.27
C GLY C 130 -15.48 -4.72 17.60
N GLU C 131 -14.57 -5.65 17.84
CA GLU C 131 -13.83 -5.71 19.09
C GLU C 131 -12.52 -4.92 19.05
N THR C 132 -12.05 -4.51 20.22
CA THR C 132 -10.81 -3.76 20.36
C THR C 132 -10.04 -4.22 21.59
N PHE C 133 -8.72 -4.19 21.50
CA PHE C 133 -7.87 -4.58 22.61
C PHE C 133 -6.64 -3.68 22.68
N GLN C 134 -6.04 -3.60 23.86
CA GLN C 134 -4.86 -2.78 24.06
C GLN C 134 -3.59 -3.59 24.04
N LEU C 135 -2.50 -2.92 23.69
CA LEU C 135 -1.19 -3.54 23.64
C LEU C 135 -0.15 -2.53 24.08
N MET C 136 0.81 -3.00 24.86
CA MET C 136 1.89 -2.17 25.33
C MET C 136 3.19 -2.95 25.14
N VAL C 137 4.17 -2.29 24.55
CA VAL C 137 5.46 -2.91 24.27
C VAL C 137 6.63 -2.08 24.79
N LEU C 138 7.65 -2.78 25.24
CA LEU C 138 8.86 -2.14 25.74
C LEU C 138 10.00 -2.53 24.82
N TYR C 139 10.21 -1.73 23.78
CA TYR C 139 11.28 -1.98 22.83
C TYR C 139 12.55 -1.29 23.36
N GLY C 140 13.67 -2.02 23.35
CA GLY C 140 14.92 -1.45 23.84
C GLY C 140 16.06 -1.50 22.84
N ARG C 141 17.04 -0.61 23.02
CA ARG C 141 18.19 -0.52 22.12
C ARG C 141 19.25 -1.61 22.33
N THR C 142 19.15 -2.34 23.43
CA THR C 142 20.05 -3.44 23.74
C THR C 142 19.18 -4.68 23.90
N LYS C 143 19.75 -5.86 23.67
CA LYS C 143 19.00 -7.12 23.78
C LYS C 143 18.22 -7.31 25.08
N ASP C 144 18.51 -6.46 26.07
CA ASP C 144 17.84 -6.54 27.36
C ASP C 144 17.95 -5.17 28.05
N LEU C 145 17.15 -4.94 29.08
CA LEU C 145 17.17 -3.68 29.83
C LEU C 145 17.18 -4.00 31.32
N SER C 146 17.60 -3.02 32.13
CA SER C 146 17.65 -3.20 33.57
C SER C 146 16.26 -3.47 34.14
N SER C 147 16.20 -4.19 35.25
CA SER C 147 14.94 -4.54 35.90
C SER C 147 14.13 -3.30 36.30
N ASP C 148 14.83 -2.22 36.63
CA ASP C 148 14.19 -0.96 37.02
C ASP C 148 13.21 -0.59 35.92
N ILE C 149 13.73 -0.58 34.69
CA ILE C 149 12.94 -0.25 33.52
C ILE C 149 11.79 -1.23 33.31
N LYS C 150 12.09 -2.53 33.31
CA LYS C 150 11.06 -3.56 33.14
C LYS C 150 10.00 -3.42 34.22
N GLU C 151 10.43 -3.06 35.42
CA GLU C 151 9.53 -2.85 36.55
C GLU C 151 8.70 -1.61 36.28
N LYS C 152 9.37 -0.56 35.79
CA LYS C 152 8.73 0.71 35.47
C LYS C 152 7.68 0.50 34.39
N PHE C 153 8.00 -0.35 33.42
CA PHE C 153 7.07 -0.67 32.34
C PHE C 153 5.86 -1.41 32.90
N ALA C 154 6.15 -2.47 33.66
CA ALA C 154 5.13 -3.31 34.29
C ALA C 154 4.09 -2.47 35.01
N LYS C 155 4.57 -1.45 35.74
CA LYS C 155 3.70 -0.55 36.48
C LYS C 155 2.76 0.24 35.57
N LEU C 156 3.26 0.68 34.41
CA LEU C 156 2.45 1.43 33.47
C LEU C 156 1.38 0.52 32.84
N CYS C 157 1.75 -0.74 32.60
CA CYS C 157 0.83 -1.71 32.03
C CYS C 157 -0.36 -1.90 32.98
N GLU C 158 -0.06 -2.01 34.27
CA GLU C 158 -1.11 -2.18 35.29
C GLU C 158 -1.98 -0.93 35.37
N ALA C 159 -1.36 0.24 35.26
CA ALA C 159 -2.07 1.51 35.29
C ALA C 159 -3.05 1.57 34.12
N HIS C 160 -2.72 0.87 33.04
CA HIS C 160 -3.55 0.82 31.85
C HIS C 160 -4.47 -0.40 31.86
N GLY C 161 -4.65 -0.97 33.05
CA GLY C 161 -5.51 -2.13 33.21
C GLY C 161 -4.97 -3.48 32.79
N ILE C 162 -3.67 -3.58 32.56
CA ILE C 162 -3.06 -4.84 32.15
C ILE C 162 -2.42 -5.53 33.35
N THR C 163 -2.99 -6.68 33.73
CA THR C 163 -2.50 -7.46 34.86
C THR C 163 -1.15 -8.13 34.58
N ARG C 164 -0.35 -8.26 35.63
CA ARG C 164 0.99 -8.86 35.55
C ARG C 164 1.08 -10.22 34.88
N ASP C 165 -0.05 -10.92 34.79
CA ASP C 165 -0.10 -12.24 34.18
C ASP C 165 -0.03 -12.08 32.66
N ASN C 166 -0.41 -10.89 32.17
CA ASN C 166 -0.42 -10.60 30.75
C ASN C 166 0.78 -9.78 30.25
N ILE C 167 1.78 -9.67 31.11
CA ILE C 167 3.02 -8.97 30.77
C ILE C 167 4.00 -10.10 30.52
N ILE C 168 4.59 -10.12 29.32
CA ILE C 168 5.52 -11.19 28.94
C ILE C 168 6.93 -10.67 28.61
N ASP C 169 7.93 -11.24 29.27
CA ASP C 169 9.32 -10.86 29.05
C ASP C 169 9.88 -11.71 27.92
N LEU C 170 10.05 -11.08 26.77
CA LEU C 170 10.57 -11.74 25.58
C LEU C 170 12.08 -12.04 25.58
N THR C 171 12.83 -11.35 26.43
CA THR C 171 14.28 -11.57 26.50
C THR C 171 14.58 -13.00 26.96
N LYS C 172 13.59 -13.64 27.59
CA LYS C 172 13.73 -15.01 28.09
C LYS C 172 13.41 -16.07 27.04
N THR C 173 12.80 -15.67 25.93
CA THR C 173 12.45 -16.61 24.86
C THR C 173 13.19 -16.31 23.56
N ASP C 174 12.89 -17.10 22.54
CA ASP C 174 13.49 -16.93 21.22
C ASP C 174 12.83 -15.73 20.56
N ARG C 175 13.65 -14.84 20.01
CA ARG C 175 13.16 -13.65 19.35
C ARG C 175 13.61 -13.60 17.89
N CYS C 176 13.57 -14.77 17.25
CA CYS C 176 13.97 -14.92 15.84
C CYS C 176 15.34 -14.35 15.54
N LEU C 177 16.23 -14.43 16.53
CA LEU C 177 17.59 -13.92 16.38
C LEU C 177 18.49 -15.00 15.78
N GLU D 20 -14.66 -7.14 -32.46
CA GLU D 20 -15.06 -7.69 -31.13
C GLU D 20 -13.84 -8.06 -30.28
N GLU D 21 -13.24 -9.20 -30.60
CA GLU D 21 -12.09 -9.73 -29.87
C GLU D 21 -10.85 -8.85 -29.81
N ALA D 22 -10.18 -8.90 -28.66
CA ALA D 22 -8.97 -8.13 -28.41
C ALA D 22 -8.12 -8.79 -27.34
N SER D 23 -6.81 -8.52 -27.39
CA SER D 23 -5.86 -9.07 -26.42
C SER D 23 -4.81 -8.00 -26.08
N SER D 24 -4.11 -8.21 -24.96
CA SER D 24 -3.08 -7.28 -24.55
C SER D 24 -1.78 -7.59 -25.28
N THR D 25 -1.62 -8.85 -25.69
CA THR D 25 -0.44 -9.30 -26.41
C THR D 25 -0.53 -8.91 -27.89
N ARG D 26 -1.65 -8.31 -28.25
CA ARG D 26 -1.89 -7.85 -29.61
C ARG D 26 -1.85 -6.32 -29.61
N GLY D 27 -1.83 -5.74 -28.40
CA GLY D 27 -1.76 -4.31 -28.24
C GLY D 27 -3.02 -3.51 -28.57
N ASN D 28 -4.00 -4.17 -29.17
CA ASN D 28 -5.25 -3.53 -29.56
C ASN D 28 -6.30 -3.56 -28.46
N LEU D 29 -5.86 -3.81 -27.23
CA LEU D 29 -6.78 -3.88 -26.10
C LEU D 29 -7.19 -2.53 -25.53
N ASP D 30 -8.49 -2.28 -25.51
CA ASP D 30 -9.03 -1.05 -24.96
C ASP D 30 -9.49 -1.37 -23.54
N VAL D 31 -8.53 -1.35 -22.63
CA VAL D 31 -8.76 -1.65 -21.21
C VAL D 31 -9.96 -0.93 -20.59
N ALA D 32 -10.24 0.27 -21.06
CA ALA D 32 -11.35 1.09 -20.56
C ALA D 32 -12.71 0.40 -20.64
N LYS D 33 -12.89 -0.48 -21.62
CA LYS D 33 -14.14 -1.21 -21.79
C LYS D 33 -14.30 -2.38 -20.83
N LEU D 34 -13.25 -2.67 -20.05
CA LEU D 34 -13.31 -3.76 -19.08
C LEU D 34 -13.91 -3.28 -17.78
N ASN D 35 -14.13 -1.96 -17.71
CA ASN D 35 -14.71 -1.35 -16.53
C ASN D 35 -16.12 -1.89 -16.39
N GLY D 36 -16.59 -2.02 -15.15
CA GLY D 36 -17.93 -2.53 -14.91
C GLY D 36 -17.95 -3.81 -14.08
N ASP D 37 -19.11 -4.44 -14.05
CA ASP D 37 -19.32 -5.67 -13.28
C ASP D 37 -18.89 -6.93 -14.01
N TRP D 38 -18.29 -7.85 -13.26
CA TRP D 38 -17.82 -9.13 -13.79
C TRP D 38 -18.08 -10.22 -12.77
N PHE D 39 -18.32 -11.43 -13.27
CA PHE D 39 -18.58 -12.59 -12.42
C PHE D 39 -17.54 -13.65 -12.72
N SER D 40 -17.22 -14.47 -11.72
CA SER D 40 -16.26 -15.55 -11.90
C SER D 40 -17.02 -16.73 -12.49
N ILE D 41 -16.66 -17.12 -13.71
CA ILE D 41 -17.32 -18.23 -14.37
C ILE D 41 -16.53 -19.52 -14.21
N VAL D 42 -15.26 -19.49 -14.64
CA VAL D 42 -14.40 -20.66 -14.55
C VAL D 42 -12.95 -20.31 -14.22
N VAL D 43 -12.35 -21.11 -13.33
CA VAL D 43 -10.96 -20.96 -12.93
C VAL D 43 -10.23 -22.26 -13.27
N ALA D 44 -8.94 -22.14 -13.61
CA ALA D 44 -8.12 -23.29 -13.96
C ALA D 44 -6.68 -23.06 -13.53
N SER D 45 -6.03 -24.13 -13.07
CA SER D 45 -4.65 -24.08 -12.60
C SER D 45 -4.18 -25.49 -12.24
N ASN D 46 -2.92 -25.80 -12.57
CA ASN D 46 -2.35 -27.11 -12.27
C ASN D 46 -1.83 -27.15 -10.84
N LYS D 47 -2.30 -26.19 -10.07
CA LYS D 47 -1.99 -26.04 -8.65
C LYS D 47 -3.39 -25.99 -8.06
N ARG D 48 -4.18 -27.00 -8.39
CA ARG D 48 -5.57 -27.16 -7.99
C ARG D 48 -5.86 -26.69 -6.57
N GLU D 49 -4.97 -27.02 -5.65
CA GLU D 49 -5.07 -26.65 -4.25
C GLU D 49 -5.50 -25.17 -4.12
N LYS D 50 -4.88 -24.34 -4.95
CA LYS D 50 -5.14 -22.91 -4.98
C LYS D 50 -6.54 -22.48 -5.43
N ILE D 51 -7.22 -23.31 -6.21
CA ILE D 51 -8.55 -22.98 -6.71
C ILE D 51 -9.71 -23.76 -6.12
N GLU D 52 -9.44 -24.52 -5.05
CA GLU D 52 -10.47 -25.31 -4.42
C GLU D 52 -11.01 -24.56 -3.21
N GLU D 53 -11.98 -25.17 -2.52
CA GLU D 53 -12.59 -24.59 -1.33
C GLU D 53 -11.47 -24.10 -0.41
N ASN D 54 -11.48 -22.80 -0.11
CA ASN D 54 -10.50 -22.13 0.73
C ASN D 54 -9.20 -21.72 0.04
N GLY D 55 -9.09 -22.01 -1.25
CA GLY D 55 -7.90 -21.65 -2.00
C GLY D 55 -7.78 -20.15 -2.16
N SER D 56 -6.55 -19.65 -2.05
CA SER D 56 -6.29 -18.22 -2.19
C SER D 56 -6.74 -17.65 -3.54
N MET D 57 -6.88 -18.54 -4.53
CA MET D 57 -7.27 -18.12 -5.87
C MET D 57 -8.73 -18.34 -6.26
N ARG D 58 -9.52 -18.98 -5.40
CA ARG D 58 -10.94 -19.19 -5.69
C ARG D 58 -11.68 -17.89 -5.41
N VAL D 59 -11.46 -16.92 -6.28
CA VAL D 59 -12.08 -15.60 -6.15
C VAL D 59 -13.40 -15.47 -6.89
N PHE D 60 -14.31 -14.72 -6.28
CA PHE D 60 -15.61 -14.46 -6.86
C PHE D 60 -15.64 -12.99 -7.21
N MET D 61 -15.26 -12.72 -8.46
CA MET D 61 -15.19 -11.37 -9.00
C MET D 61 -16.51 -10.64 -8.88
N GLN D 62 -16.43 -9.33 -8.75
CA GLN D 62 -17.61 -8.48 -8.62
C GLN D 62 -17.51 -7.27 -9.54
N HIS D 63 -16.35 -6.61 -9.51
CA HIS D 63 -16.17 -5.39 -10.26
C HIS D 63 -14.72 -5.00 -10.58
N ILE D 64 -14.50 -4.57 -11.82
CA ILE D 64 -13.18 -4.12 -12.27
C ILE D 64 -13.24 -2.61 -12.51
N ASP D 65 -12.31 -1.89 -11.89
CA ASP D 65 -12.20 -0.45 -12.03
C ASP D 65 -10.98 -0.10 -12.86
N VAL D 66 -11.17 0.68 -13.91
CA VAL D 66 -10.04 1.08 -14.74
C VAL D 66 -9.53 2.40 -14.16
N LEU D 67 -8.31 2.37 -13.64
CA LEU D 67 -7.71 3.53 -13.01
C LEU D 67 -6.46 3.99 -13.76
N GLU D 68 -5.71 4.90 -13.14
CA GLU D 68 -4.48 5.45 -13.74
C GLU D 68 -3.40 4.39 -13.78
N ASN D 69 -3.08 3.93 -14.98
CA ASN D 69 -2.06 2.91 -15.21
C ASN D 69 -2.23 1.73 -14.26
N SER D 70 -3.49 1.41 -13.96
CA SER D 70 -3.81 0.33 -13.04
C SER D 70 -5.24 -0.16 -13.16
N LEU D 71 -5.50 -1.33 -12.60
CA LEU D 71 -6.81 -1.94 -12.60
C LEU D 71 -7.19 -2.28 -11.17
N GLY D 72 -8.41 -1.93 -10.79
CA GLY D 72 -8.89 -2.21 -9.44
C GLY D 72 -9.88 -3.35 -9.47
N PHE D 73 -9.69 -4.32 -8.58
CA PHE D 73 -10.57 -5.48 -8.51
C PHE D 73 -11.29 -5.63 -7.19
N LYS D 74 -12.62 -5.70 -7.26
CA LYS D 74 -13.44 -5.89 -6.08
C LYS D 74 -13.96 -7.32 -6.20
N PHE D 75 -13.70 -8.13 -5.18
CA PHE D 75 -14.11 -9.52 -5.22
C PHE D 75 -14.29 -10.10 -3.83
N ARG D 76 -15.07 -11.16 -3.75
CA ARG D 76 -15.30 -11.85 -2.50
C ARG D 76 -14.57 -13.18 -2.54
N ILE D 77 -13.96 -13.53 -1.41
CA ILE D 77 -13.25 -14.79 -1.28
C ILE D 77 -13.71 -15.38 0.04
N LYS D 78 -14.08 -16.65 -0.01
CA LYS D 78 -14.58 -17.37 1.17
C LYS D 78 -13.46 -17.96 1.99
N GLU D 79 -13.22 -17.38 3.16
CA GLU D 79 -12.18 -17.84 4.08
C GLU D 79 -12.85 -18.39 5.33
N ASN D 80 -12.56 -19.66 5.64
CA ASN D 80 -13.11 -20.33 6.82
C ASN D 80 -14.64 -20.33 6.80
N GLY D 81 -15.21 -20.50 5.62
CA GLY D 81 -16.66 -20.52 5.47
C GLY D 81 -17.31 -19.13 5.52
N GLU D 82 -16.50 -18.09 5.60
CA GLU D 82 -17.02 -16.73 5.66
C GLU D 82 -16.51 -15.88 4.50
N CYS D 83 -17.44 -15.27 3.76
CA CYS D 83 -17.12 -14.43 2.62
C CYS D 83 -16.49 -13.10 3.04
N ARG D 84 -15.35 -12.78 2.46
CA ARG D 84 -14.64 -11.54 2.76
C ARG D 84 -14.75 -10.59 1.58
N GLU D 85 -14.80 -9.30 1.89
CA GLU D 85 -14.88 -8.28 0.85
C GLU D 85 -13.48 -7.72 0.64
N LEU D 86 -12.88 -8.04 -0.51
CA LEU D 86 -11.53 -7.59 -0.82
C LEU D 86 -11.44 -6.72 -2.06
N TYR D 87 -10.43 -5.86 -2.06
CA TYR D 87 -10.16 -4.97 -3.18
C TYR D 87 -8.65 -4.91 -3.41
N LEU D 88 -8.25 -5.11 -4.66
CA LEU D 88 -6.85 -5.08 -5.04
C LEU D 88 -6.58 -4.21 -6.25
N VAL D 89 -5.44 -3.53 -6.21
CA VAL D 89 -5.02 -2.67 -7.31
C VAL D 89 -3.82 -3.35 -7.99
N ALA D 90 -3.91 -3.50 -9.30
CA ALA D 90 -2.85 -4.10 -10.10
C ALA D 90 -2.25 -2.99 -10.94
N TYR D 91 -0.93 -2.90 -10.96
CA TYR D 91 -0.25 -1.86 -11.72
C TYR D 91 0.30 -2.33 -13.06
N LYS D 92 0.10 -1.51 -14.08
CA LYS D 92 0.61 -1.79 -15.41
C LYS D 92 2.13 -1.74 -15.34
N THR D 93 2.77 -2.68 -16.03
CA THR D 93 4.23 -2.74 -16.05
C THR D 93 4.74 -2.39 -17.45
N PRO D 94 6.06 -2.20 -17.60
CA PRO D 94 6.65 -1.86 -18.91
C PRO D 94 6.56 -3.01 -19.93
N GLU D 95 6.41 -4.26 -19.45
CA GLU D 95 6.33 -5.41 -20.35
C GLU D 95 4.92 -5.41 -20.95
N ASP D 96 4.82 -5.18 -22.26
CA ASP D 96 3.54 -5.10 -22.97
C ASP D 96 2.38 -6.00 -22.51
N GLY D 97 1.32 -5.34 -22.07
CA GLY D 97 0.12 -6.03 -21.63
C GLY D 97 0.19 -6.66 -20.25
N GLU D 98 1.32 -6.51 -19.58
CA GLU D 98 1.51 -7.08 -18.25
C GLU D 98 1.13 -6.18 -17.07
N TYR D 99 0.56 -6.80 -16.05
CA TYR D 99 0.15 -6.11 -14.83
C TYR D 99 0.71 -6.85 -13.64
N PHE D 100 0.99 -6.12 -12.57
CA PHE D 100 1.49 -6.73 -11.36
C PHE D 100 0.52 -6.49 -10.21
N VAL D 101 0.46 -7.47 -9.32
CA VAL D 101 -0.39 -7.40 -8.15
C VAL D 101 0.18 -8.30 -7.07
N GLU D 102 0.31 -7.75 -5.86
CA GLU D 102 0.81 -8.53 -4.76
C GLU D 102 -0.39 -9.15 -4.06
N TYR D 103 -0.46 -10.47 -4.11
CA TYR D 103 -1.55 -11.21 -3.50
C TYR D 103 -1.12 -12.66 -3.39
N ASP D 104 -0.91 -13.12 -2.15
CA ASP D 104 -0.47 -14.49 -1.89
C ASP D 104 0.79 -14.72 -2.73
N GLY D 105 1.62 -13.67 -2.80
CA GLY D 105 2.85 -13.72 -3.57
C GLY D 105 2.87 -12.66 -4.66
N GLY D 106 3.91 -12.69 -5.48
CA GLY D 106 4.02 -11.73 -6.56
C GLY D 106 3.29 -12.26 -7.77
N ASN D 107 2.33 -11.49 -8.29
CA ASN D 107 1.57 -11.93 -9.45
C ASN D 107 1.74 -11.05 -10.69
N THR D 108 1.82 -11.71 -11.83
CA THR D 108 1.94 -11.05 -13.12
C THR D 108 0.80 -11.66 -13.93
N PHE D 109 0.07 -10.83 -14.67
CA PHE D 109 -1.03 -11.34 -15.46
C PHE D 109 -1.28 -10.52 -16.71
N THR D 110 -1.97 -11.13 -17.66
CA THR D 110 -2.32 -10.46 -18.91
C THR D 110 -3.71 -10.89 -19.35
N ILE D 111 -4.36 -10.02 -20.12
CA ILE D 111 -5.69 -10.28 -20.65
C ILE D 111 -5.50 -11.08 -21.92
N LEU D 112 -5.76 -12.37 -21.81
CA LEU D 112 -5.61 -13.32 -22.90
C LEU D 112 -6.55 -13.05 -24.08
N LYS D 113 -7.81 -12.75 -23.76
CA LYS D 113 -8.82 -12.51 -24.78
C LYS D 113 -10.09 -11.94 -24.17
N THR D 114 -10.77 -11.08 -24.92
CA THR D 114 -12.01 -10.46 -24.46
C THR D 114 -12.83 -9.89 -25.60
N ASP D 115 -14.15 -9.87 -25.41
CA ASP D 115 -15.07 -9.31 -26.41
C ASP D 115 -15.76 -8.10 -25.77
N TYR D 116 -15.30 -7.78 -24.57
CA TYR D 116 -15.78 -6.65 -23.76
C TYR D 116 -17.17 -6.78 -23.15
N ASP D 117 -18.18 -7.09 -23.96
CA ASP D 117 -19.54 -7.21 -23.47
C ASP D 117 -20.02 -8.55 -22.93
N ARG D 118 -19.19 -9.59 -23.00
CA ARG D 118 -19.58 -10.91 -22.48
C ARG D 118 -18.53 -11.53 -21.57
N TYR D 119 -17.38 -11.86 -22.13
CA TYR D 119 -16.32 -12.52 -21.37
C TYR D 119 -14.98 -11.79 -21.41
N VAL D 120 -14.07 -12.25 -20.56
CA VAL D 120 -12.71 -11.75 -20.44
C VAL D 120 -11.90 -12.90 -19.85
N MET D 121 -10.78 -13.23 -20.49
CA MET D 121 -9.92 -14.30 -20.03
C MET D 121 -8.59 -13.77 -19.56
N PHE D 122 -8.24 -14.07 -18.31
CA PHE D 122 -6.97 -13.62 -17.74
C PHE D 122 -6.03 -14.79 -17.55
N HIS D 123 -4.74 -14.54 -17.77
CA HIS D 123 -3.72 -15.56 -17.56
C HIS D 123 -2.78 -14.98 -16.52
N LEU D 124 -2.66 -15.65 -15.39
CA LEU D 124 -1.82 -15.19 -14.30
C LEU D 124 -0.70 -16.14 -13.94
N ILE D 125 0.43 -15.58 -13.52
CA ILE D 125 1.58 -16.35 -13.08
C ILE D 125 1.92 -15.83 -11.69
N ASN D 126 1.91 -16.75 -10.73
CA ASN D 126 2.19 -16.43 -9.34
C ASN D 126 3.60 -16.84 -8.97
N PHE D 127 4.18 -16.13 -8.00
CA PHE D 127 5.51 -16.44 -7.49
C PHE D 127 5.50 -16.26 -5.99
N LYS D 128 5.94 -17.30 -5.28
CA LYS D 128 5.99 -17.27 -3.83
C LYS D 128 6.95 -18.31 -3.29
N ASN D 129 7.99 -17.82 -2.61
CA ASN D 129 9.01 -18.66 -2.00
C ASN D 129 9.67 -19.62 -2.99
N GLY D 130 10.19 -19.07 -4.10
CA GLY D 130 10.88 -19.87 -5.09
C GLY D 130 10.03 -20.57 -6.14
N GLU D 131 8.83 -21.01 -5.77
CA GLU D 131 7.93 -21.69 -6.69
C GLU D 131 6.99 -20.74 -7.43
N THR D 132 6.52 -21.19 -8.59
CA THR D 132 5.60 -20.42 -9.42
C THR D 132 4.54 -21.34 -10.03
N PHE D 133 3.34 -20.81 -10.19
CA PHE D 133 2.25 -21.57 -10.81
C PHE D 133 1.41 -20.66 -11.69
N GLN D 134 0.70 -21.26 -12.64
CA GLN D 134 -0.14 -20.52 -13.55
C GLN D 134 -1.60 -20.58 -13.13
N LEU D 135 -2.33 -19.55 -13.55
CA LEU D 135 -3.75 -19.46 -13.28
C LEU D 135 -4.45 -18.81 -14.46
N MET D 136 -5.61 -19.34 -14.80
CA MET D 136 -6.40 -18.82 -15.88
C MET D 136 -7.84 -18.72 -15.39
N VAL D 137 -8.45 -17.56 -15.62
CA VAL D 137 -9.81 -17.31 -15.19
C VAL D 137 -10.69 -16.80 -16.31
N LEU D 138 -11.96 -17.20 -16.27
CA LEU D 138 -12.94 -16.78 -17.26
C LEU D 138 -13.99 -15.96 -16.53
N TYR D 139 -13.76 -14.67 -16.44
CA TYR D 139 -14.70 -13.77 -15.79
C TYR D 139 -15.74 -13.31 -16.84
N GLY D 140 -17.02 -13.37 -16.48
CA GLY D 140 -18.06 -12.96 -17.42
C GLY D 140 -18.99 -11.89 -16.87
N ARG D 141 -19.63 -11.16 -17.79
CA ARG D 141 -20.54 -10.07 -17.43
C ARG D 141 -21.92 -10.52 -16.94
N THR D 142 -22.22 -11.81 -17.15
CA THR D 142 -23.49 -12.39 -16.71
C THR D 142 -23.12 -13.54 -15.78
N LYS D 143 -24.02 -13.91 -14.87
CA LYS D 143 -23.76 -14.99 -13.92
C LYS D 143 -23.30 -16.31 -14.54
N ASP D 144 -23.42 -16.42 -15.86
CA ASP D 144 -23.01 -17.62 -16.58
C ASP D 144 -22.75 -17.25 -18.05
N LEU D 145 -22.09 -18.13 -18.78
CA LEU D 145 -21.79 -17.90 -20.20
C LEU D 145 -22.13 -19.16 -20.98
N SER D 146 -22.30 -19.01 -22.29
CA SER D 146 -22.62 -20.15 -23.15
C SER D 146 -21.49 -21.18 -23.13
N SER D 147 -21.85 -22.45 -23.34
CA SER D 147 -20.89 -23.55 -23.33
C SER D 147 -19.78 -23.35 -24.36
N ASP D 148 -20.11 -22.71 -25.48
CA ASP D 148 -19.16 -22.44 -26.55
C ASP D 148 -17.96 -21.74 -25.93
N ILE D 149 -18.25 -20.68 -25.19
CA ILE D 149 -17.24 -19.89 -24.51
C ILE D 149 -16.46 -20.72 -23.48
N LYS D 150 -17.18 -21.42 -22.60
CA LYS D 150 -16.55 -22.26 -21.57
C LYS D 150 -15.67 -23.30 -22.24
N GLU D 151 -16.13 -23.81 -23.37
CA GLU D 151 -15.38 -24.80 -24.14
C GLU D 151 -14.16 -24.13 -24.73
N LYS D 152 -14.35 -22.92 -25.26
CA LYS D 152 -13.29 -22.12 -25.86
C LYS D 152 -12.22 -21.82 -24.82
N PHE D 153 -12.66 -21.52 -23.60
CA PHE D 153 -11.75 -21.25 -22.50
C PHE D 153 -10.96 -22.51 -22.15
N ALA D 154 -11.69 -23.60 -21.95
CA ALA D 154 -11.11 -24.91 -21.60
C ALA D 154 -9.97 -25.26 -22.55
N LYS D 155 -10.18 -25.02 -23.84
CA LYS D 155 -9.18 -25.30 -24.86
C LYS D 155 -7.91 -24.48 -24.66
N LEU D 156 -8.05 -23.21 -24.28
CA LEU D 156 -6.90 -22.34 -24.06
C LEU D 156 -6.13 -22.79 -22.82
N CYS D 157 -6.86 -23.26 -21.80
CA CYS D 157 -6.26 -23.74 -20.57
C CYS D 157 -5.35 -24.93 -20.90
N GLU D 158 -5.85 -25.84 -21.74
CA GLU D 158 -5.08 -27.02 -22.14
C GLU D 158 -3.86 -26.62 -22.95
N ALA D 159 -4.03 -25.63 -23.82
CA ALA D 159 -2.95 -25.12 -24.65
C ALA D 159 -1.85 -24.56 -23.75
N HIS D 160 -2.23 -24.09 -22.57
CA HIS D 160 -1.30 -23.54 -21.60
C HIS D 160 -0.86 -24.59 -20.58
N GLY D 161 -1.06 -25.86 -20.95
CA GLY D 161 -0.67 -26.97 -20.09
C GLY D 161 -1.56 -27.29 -18.92
N ILE D 162 -2.77 -26.75 -18.90
CA ILE D 162 -3.71 -27.01 -17.80
C ILE D 162 -4.70 -28.10 -18.21
N THR D 163 -4.62 -29.24 -17.55
CA THR D 163 -5.50 -30.37 -17.82
C THR D 163 -6.94 -30.13 -17.37
N ARG D 164 -7.88 -30.71 -18.10
CA ARG D 164 -9.32 -30.56 -17.82
C ARG D 164 -9.77 -30.87 -16.40
N ASP D 165 -8.94 -31.61 -15.67
CA ASP D 165 -9.24 -31.97 -14.28
C ASP D 165 -9.02 -30.76 -13.39
N ASN D 166 -8.21 -29.82 -13.86
CA ASN D 166 -7.89 -28.61 -13.10
C ASN D 166 -8.66 -27.36 -13.55
N ILE D 167 -9.68 -27.57 -14.36
CA ILE D 167 -10.55 -26.49 -14.83
C ILE D 167 -11.80 -26.67 -13.98
N ILE D 168 -12.19 -25.62 -13.26
CA ILE D 168 -13.36 -25.67 -12.39
C ILE D 168 -14.43 -24.66 -12.75
N ASP D 169 -15.66 -25.15 -12.94
CA ASP D 169 -16.79 -24.31 -13.28
C ASP D 169 -17.43 -23.80 -11.98
N LEU D 170 -17.21 -22.53 -11.69
CA LEU D 170 -17.75 -21.90 -10.49
C LEU D 170 -19.24 -21.58 -10.51
N THR D 171 -19.84 -21.53 -11.70
CA THR D 171 -21.27 -21.23 -11.80
C THR D 171 -22.10 -22.33 -11.13
N LYS D 172 -21.48 -23.50 -10.95
CA LYS D 172 -22.15 -24.64 -10.33
C LYS D 172 -22.07 -24.63 -8.79
N THR D 173 -21.19 -23.79 -8.24
CA THR D 173 -21.02 -23.71 -6.79
C THR D 173 -21.41 -22.33 -6.24
N ASP D 174 -21.26 -22.17 -4.93
CA ASP D 174 -21.56 -20.91 -4.26
C ASP D 174 -20.44 -19.93 -4.58
N ARG D 175 -20.84 -18.73 -4.97
CA ARG D 175 -19.88 -17.69 -5.30
C ARG D 175 -20.07 -16.46 -4.43
N CYS D 176 -20.33 -16.71 -3.14
CA CYS D 176 -20.54 -15.67 -2.15
C CYS D 176 -21.59 -14.63 -2.57
N LEU D 177 -22.58 -15.10 -3.31
CA LEU D 177 -23.66 -14.24 -3.79
C LEU D 177 -24.77 -14.16 -2.75
C2 LEO E . -12.45 11.34 -0.63
C3 LEO E . -10.61 12.87 0.42
C4 LEO E . -10.99 10.46 1.20
C5 LEO E . -10.37 11.84 1.51
C6 LEO E . -12.46 10.60 0.73
C7 LEO E . -11.64 12.62 -0.60
C8 LEO E . -9.50 13.83 0.12
O14 LEO E . -11.93 13.54 0.52
C17 LEO E . -13.40 11.18 1.79
C21 LEO E . -12.93 11.86 2.84
C22 LEO E . -14.87 10.88 1.67
C2 LEO F . 15.50 2.83 -5.76
C3 LEO F . 14.22 3.64 -7.88
C4 LEO F . 13.56 1.53 -6.60
C5 LEO F . 13.44 2.34 -7.91
C6 LEO F . 15.02 1.41 -6.13
C7 LEO F . 15.24 3.85 -6.83
C8 LEO F . 13.60 4.84 -8.56
O14 LEO F . 15.66 3.48 -8.19
C17 LEO F . 15.92 0.64 -7.12
C21 LEO F . 15.58 0.46 -8.38
C22 LEO F . 17.20 0.02 -6.56
C2 LEO G . 5.03 -3.01 15.70
C3 LEO G . 2.56 -3.76 16.07
C4 LEO G . 3.17 -1.66 14.75
C5 LEO G . 2.08 -2.44 15.49
C6 LEO G . 4.48 -1.58 15.57
C7 LEO G . 4.02 -4.01 16.20
C8 LEO G . 1.61 -4.92 16.05
O14 LEO G . 3.24 -3.61 17.38
C17 LEO G . 4.32 -0.80 16.88
C21 LEO G . 3.14 -0.58 17.43
C22 LEO G . 5.57 -0.21 17.51
C2 LEO H . -8.20 -11.33 -9.26
C3 LEO H . -6.21 -12.87 -8.59
C4 LEO H . -5.88 -10.44 -9.29
C5 LEO H . -5.22 -11.82 -9.07
C6 LEO H . -7.18 -10.54 -10.12
C7 LEO H . -7.66 -12.63 -8.72
C8 LEO H . -5.72 -13.87 -7.58
O14 LEO H . -6.99 -13.50 -9.69
C17 LEO H . -6.97 -11.08 -11.54
C21 LEO H . -5.87 -11.74 -11.89
C22 LEO H . -8.02 -10.75 -12.59
#